data_2LZQ
#
_entry.id   2LZQ
#
_entity_poly.entity_id   1
_entity_poly.type   'polypeptide(L)'
_entity_poly.pdbx_seq_one_letter_code
;RSALVNSYLWQRWENWFWNVTLRPER
;
_entity_poly.pdbx_strand_id   A
#
# COMPACT_ATOMS: atom_id res chain seq x y z
N ARG A 1 -3.11 1.83 16.49
CA ARG A 1 -2.65 3.14 17.06
C ARG A 1 -1.16 3.06 17.42
N SER A 2 -0.30 3.05 16.43
CA SER A 2 1.17 2.99 16.71
C SER A 2 1.96 3.53 15.51
N ALA A 3 3.16 3.98 15.74
CA ALA A 3 4.00 4.52 14.62
C ALA A 3 4.33 3.43 13.59
N LEU A 4 4.43 2.20 14.03
CA LEU A 4 4.76 1.09 13.07
C LEU A 4 3.49 0.29 12.70
N VAL A 5 2.32 0.76 13.09
CA VAL A 5 1.07 0.03 12.76
C VAL A 5 0.31 0.77 11.65
N ASN A 6 -0.05 2.01 11.88
CA ASN A 6 -0.79 2.79 10.84
C ASN A 6 0.07 2.96 9.57
N SER A 7 1.35 3.21 9.73
CA SER A 7 2.23 3.36 8.53
C SER A 7 2.21 2.07 7.71
N TYR A 8 2.33 0.93 8.37
CA TYR A 8 2.28 -0.37 7.64
C TYR A 8 0.89 -0.56 7.02
N LEU A 9 -0.14 -0.23 7.77
CA LEU A 9 -1.53 -0.37 7.24
C LEU A 9 -1.71 0.53 6.02
N TRP A 10 -1.28 1.77 6.11
CA TRP A 10 -1.41 2.70 4.94
C TRP A 10 -0.50 2.23 3.81
N GLN A 11 0.73 1.89 4.11
CA GLN A 11 1.68 1.41 3.04
C GLN A 11 1.05 0.23 2.27
N ARG A 12 0.37 -0.65 2.97
CA ARG A 12 -0.28 -1.81 2.29
C ARG A 12 -1.41 -1.34 1.36
N TRP A 13 -2.16 -0.34 1.78
CA TRP A 13 -3.28 0.17 0.92
C TRP A 13 -2.71 0.71 -0.40
N GLU A 14 -1.64 1.48 -0.34
CA GLU A 14 -1.04 2.02 -1.59
C GLU A 14 -0.33 0.89 -2.34
N ASN A 15 0.33 0.01 -1.65
CA ASN A 15 1.04 -1.13 -2.32
C ASN A 15 0.06 -1.89 -3.22
N TRP A 16 -1.11 -2.19 -2.72
CA TRP A 16 -2.12 -2.92 -3.54
C TRP A 16 -2.60 -1.99 -4.67
N PHE A 17 -2.88 -0.75 -4.35
CA PHE A 17 -3.34 0.23 -5.39
C PHE A 17 -2.30 0.30 -6.51
N TRP A 18 -1.04 0.46 -6.16
CA TRP A 18 0.04 0.52 -7.20
C TRP A 18 0.15 -0.84 -7.91
N ASN A 19 0.04 -1.92 -7.19
CA ASN A 19 0.15 -3.28 -7.82
C ASN A 19 -0.82 -3.40 -9.01
N VAL A 20 -2.05 -2.96 -8.85
CA VAL A 20 -3.03 -3.05 -9.98
C VAL A 20 -2.93 -1.83 -10.90
N THR A 21 -2.51 -0.70 -10.40
CA THR A 21 -2.38 0.52 -11.27
C THR A 21 -1.14 0.43 -12.15
N LEU A 22 -0.07 -0.13 -11.64
CA LEU A 22 1.17 -0.25 -12.44
C LEU A 22 1.06 -1.43 -13.42
N ARG A 23 0.96 -2.63 -12.91
CA ARG A 23 0.83 -3.84 -13.78
C ARG A 23 1.94 -3.85 -14.86
N PRO A 24 3.12 -4.28 -14.46
CA PRO A 24 4.26 -4.35 -15.40
C PRO A 24 4.15 -5.56 -16.33
N GLU A 25 3.25 -5.50 -17.28
CA GLU A 25 3.07 -6.64 -18.23
C GLU A 25 3.81 -6.38 -19.55
N ARG A 26 3.97 -7.40 -20.37
CA ARG A 26 4.69 -7.23 -21.68
C ARG A 26 6.15 -6.79 -21.47
N ARG A 1 -1.16 6.90 15.13
CA ARG A 1 -1.05 5.91 16.24
C ARG A 1 0.21 5.05 16.06
N SER A 2 1.09 5.08 17.04
CA SER A 2 2.36 4.27 16.95
C SER A 2 3.22 4.72 15.76
N ALA A 3 4.35 4.10 15.55
CA ALA A 3 5.23 4.48 14.41
C ALA A 3 5.28 3.36 13.36
N LEU A 4 5.58 2.16 13.77
CA LEU A 4 5.64 1.03 12.79
C LEU A 4 4.28 0.31 12.68
N VAL A 5 3.20 1.03 12.82
CA VAL A 5 1.85 0.40 12.72
C VAL A 5 1.06 1.04 11.57
N ASN A 6 0.94 2.34 11.58
CA ASN A 6 0.18 3.04 10.48
C ASN A 6 0.95 2.94 9.17
N SER A 7 2.26 2.96 9.21
CA SER A 7 3.07 2.85 7.96
C SER A 7 2.69 1.56 7.21
N TYR A 8 2.58 0.47 7.92
CA TYR A 8 2.18 -0.82 7.27
C TYR A 8 0.68 -0.80 6.96
N LEU A 9 -0.11 -0.20 7.81
CA LEU A 9 -1.59 -0.14 7.56
C LEU A 9 -1.87 0.74 6.33
N TRP A 10 -1.21 1.85 6.23
CA TRP A 10 -1.41 2.75 5.05
C TRP A 10 -0.84 2.08 3.79
N GLN A 11 0.29 1.44 3.90
CA GLN A 11 0.90 0.76 2.72
C GLN A 11 -0.07 -0.27 2.13
N ARG A 12 -0.73 -1.04 2.97
CA ARG A 12 -1.70 -2.06 2.47
C ARG A 12 -2.77 -1.40 1.57
N TRP A 13 -2.98 -0.11 1.71
CA TRP A 13 -4.00 0.58 0.86
C TRP A 13 -3.38 1.03 -0.47
N GLU A 14 -2.34 1.82 -0.42
CA GLU A 14 -1.71 2.33 -1.67
C GLU A 14 -0.76 1.30 -2.30
N ASN A 15 0.05 0.64 -1.50
CA ASN A 15 1.01 -0.37 -2.09
C ASN A 15 0.24 -1.39 -2.94
N TRP A 16 -0.94 -1.79 -2.52
CA TRP A 16 -1.74 -2.76 -3.32
C TRP A 16 -2.24 -2.07 -4.59
N PHE A 17 -2.84 -0.91 -4.44
CA PHE A 17 -3.36 -0.17 -5.62
C PHE A 17 -2.23 0.10 -6.62
N TRP A 18 -1.09 0.56 -6.13
CA TRP A 18 0.06 0.83 -7.04
C TRP A 18 0.55 -0.48 -7.68
N ASN A 19 0.55 -1.56 -6.94
CA ASN A 19 1.01 -2.87 -7.51
C ASN A 19 0.07 -3.32 -8.64
N VAL A 20 -1.22 -3.20 -8.47
CA VAL A 20 -2.17 -3.63 -9.54
C VAL A 20 -2.43 -2.51 -10.56
N THR A 21 -1.92 -1.32 -10.32
CA THR A 21 -2.15 -0.20 -11.29
C THR A 21 -0.86 0.12 -12.06
N LEU A 22 0.26 0.08 -11.41
CA LEU A 22 1.55 0.40 -12.11
C LEU A 22 2.26 -0.88 -12.59
N ARG A 23 1.86 -2.02 -12.09
CA ARG A 23 2.53 -3.29 -12.53
C ARG A 23 1.62 -4.50 -12.23
N PRO A 24 0.51 -4.56 -12.92
CA PRO A 24 -0.45 -5.68 -12.71
C PRO A 24 0.12 -7.00 -13.28
N GLU A 25 0.46 -7.93 -12.42
CA GLU A 25 1.03 -9.24 -12.86
C GLU A 25 2.41 -9.07 -13.50
N ARG A 26 3.18 -10.13 -13.56
CA ARG A 26 4.55 -10.04 -14.17
C ARG A 26 4.69 -11.04 -15.33
N ARG A 1 0.24 3.70 20.44
CA ARG A 1 0.98 4.63 19.53
C ARG A 1 2.42 4.14 19.34
N SER A 2 2.64 3.25 18.41
CA SER A 2 4.03 2.74 18.16
C SER A 2 4.66 3.40 16.93
N ALA A 3 3.93 4.24 16.24
CA ALA A 3 4.47 4.92 15.01
C ALA A 3 4.87 3.90 13.92
N LEU A 4 4.53 2.65 14.10
CA LEU A 4 4.88 1.61 13.08
C LEU A 4 3.66 0.78 12.68
N VAL A 5 2.52 1.03 13.27
CA VAL A 5 1.29 0.24 12.93
C VAL A 5 0.55 0.91 11.76
N ASN A 6 0.25 2.18 11.89
CA ASN A 6 -0.48 2.90 10.79
C ASN A 6 0.39 2.95 9.52
N SER A 7 1.67 3.16 9.66
CA SER A 7 2.56 3.20 8.45
C SER A 7 2.42 1.89 7.65
N TYR A 8 2.50 0.77 8.33
CA TYR A 8 2.35 -0.54 7.63
C TYR A 8 0.92 -0.67 7.08
N LEU A 9 -0.05 -0.21 7.83
CA LEU A 9 -1.47 -0.28 7.36
C LEU A 9 -1.67 0.62 6.13
N TRP A 10 -1.21 1.85 6.22
CA TRP A 10 -1.34 2.79 5.06
C TRP A 10 -0.56 2.27 3.85
N GLN A 11 0.65 1.82 4.05
CA GLN A 11 1.46 1.28 2.91
C GLN A 11 0.69 0.16 2.21
N ARG A 12 0.05 -0.70 2.98
CA ARG A 12 -0.74 -1.82 2.38
C ARG A 12 -1.82 -1.28 1.44
N TRP A 13 -2.46 -0.20 1.83
CA TRP A 13 -3.53 0.41 0.98
C TRP A 13 -2.98 0.76 -0.41
N GLU A 14 -1.99 1.61 -0.46
CA GLU A 14 -1.40 2.01 -1.77
C GLU A 14 -0.59 0.87 -2.39
N ASN A 15 -0.04 -0.01 -1.57
CA ASN A 15 0.76 -1.14 -2.12
C ASN A 15 -0.10 -1.93 -3.13
N TRP A 16 -1.30 -2.29 -2.74
CA TRP A 16 -2.19 -3.03 -3.70
C TRP A 16 -2.63 -2.08 -4.83
N PHE A 17 -2.94 -0.86 -4.50
CA PHE A 17 -3.36 0.12 -5.54
C PHE A 17 -2.27 0.26 -6.60
N TRP A 18 -1.07 0.58 -6.20
CA TRP A 18 0.06 0.72 -7.18
C TRP A 18 0.35 -0.64 -7.83
N ASN A 19 0.22 -1.71 -7.08
CA ASN A 19 0.49 -3.08 -7.66
C ASN A 19 -0.38 -3.31 -8.91
N VAL A 20 -1.66 -3.05 -8.82
CA VAL A 20 -2.55 -3.28 -10.01
C VAL A 20 -2.57 -2.04 -10.93
N THR A 21 -2.31 -0.87 -10.40
CA THR A 21 -2.31 0.36 -11.26
C THR A 21 -1.04 0.42 -12.12
N LEU A 22 0.08 0.05 -11.57
CA LEU A 22 1.36 0.09 -12.35
C LEU A 22 1.55 -1.22 -13.13
N ARG A 23 0.73 -2.22 -12.89
CA ARG A 23 0.87 -3.52 -13.61
C ARG A 23 0.73 -3.31 -15.14
N PRO A 24 -0.37 -2.70 -15.55
CA PRO A 24 -0.60 -2.45 -17.00
C PRO A 24 0.18 -1.22 -17.47
N GLU A 25 1.48 -1.25 -17.41
CA GLU A 25 2.29 -0.08 -17.86
C GLU A 25 2.91 -0.35 -19.24
N ARG A 26 3.52 -1.50 -19.41
CA ARG A 26 4.16 -1.85 -20.73
C ARG A 26 5.27 -0.83 -21.09
N ARG A 1 -8.22 8.14 12.48
CA ARG A 1 -6.76 8.35 12.24
C ARG A 1 -5.94 7.62 13.33
N SER A 2 -4.78 7.12 12.97
CA SER A 2 -3.92 6.41 13.97
C SER A 2 -2.45 6.82 13.81
N ALA A 3 -1.62 6.50 14.77
CA ALA A 3 -0.18 6.88 14.68
C ALA A 3 0.70 5.64 14.48
N LEU A 4 0.49 4.60 15.25
CA LEU A 4 1.33 3.36 15.11
C LEU A 4 0.55 2.24 14.39
N VAL A 5 -0.57 2.55 13.78
CA VAL A 5 -1.36 1.50 13.08
C VAL A 5 -1.33 1.75 11.56
N ASN A 6 -1.66 2.94 11.13
CA ASN A 6 -1.64 3.24 9.67
C ASN A 6 -0.20 3.28 9.13
N SER A 7 0.78 3.49 9.99
CA SER A 7 2.20 3.52 9.53
C SER A 7 2.54 2.26 8.72
N TYR A 8 1.98 1.14 9.09
CA TYR A 8 2.23 -0.13 8.34
C TYR A 8 1.07 -0.42 7.38
N LEU A 9 -0.13 -0.04 7.75
CA LEU A 9 -1.31 -0.29 6.86
C LEU A 9 -1.24 0.58 5.60
N TRP A 10 -0.74 1.79 5.72
CA TRP A 10 -0.64 2.69 4.52
C TRP A 10 0.19 2.03 3.43
N GLN A 11 1.36 1.51 3.77
CA GLN A 11 2.22 0.86 2.74
C GLN A 11 1.47 -0.30 2.08
N ARG A 12 0.83 -1.15 2.86
CA ARG A 12 0.06 -2.28 2.27
C ARG A 12 -1.16 -1.76 1.49
N TRP A 13 -1.79 -0.72 2.00
CA TRP A 13 -2.98 -0.12 1.30
C TRP A 13 -2.58 0.32 -0.12
N GLU A 14 -1.61 1.19 -0.20
CA GLU A 14 -1.15 1.70 -1.53
C GLU A 14 -0.41 0.61 -2.31
N ASN A 15 0.25 -0.30 -1.63
CA ASN A 15 0.98 -1.39 -2.34
C ASN A 15 0.03 -2.10 -3.30
N TRP A 16 -1.14 -2.49 -2.82
CA TRP A 16 -2.12 -3.17 -3.71
C TRP A 16 -2.65 -2.16 -4.73
N PHE A 17 -2.98 -0.97 -4.29
CA PHE A 17 -3.51 0.07 -5.21
C PHE A 17 -2.51 0.32 -6.35
N TRP A 18 -1.29 0.67 -6.02
CA TRP A 18 -0.26 0.92 -7.07
C TRP A 18 -0.03 -0.35 -7.91
N ASN A 19 -0.12 -1.50 -7.29
CA ASN A 19 0.09 -2.77 -8.04
C ASN A 19 -0.97 -2.93 -9.16
N VAL A 20 -2.21 -2.60 -8.88
CA VAL A 20 -3.27 -2.73 -9.93
C VAL A 20 -3.49 -1.40 -10.67
N THR A 21 -2.92 -0.31 -10.19
CA THR A 21 -3.11 1.00 -10.88
C THR A 21 -1.94 1.28 -11.83
N LEU A 22 -0.75 0.94 -11.44
CA LEU A 22 0.44 1.19 -12.32
C LEU A 22 0.62 0.06 -13.34
N ARG A 23 0.00 -1.07 -13.13
CA ARG A 23 0.13 -2.21 -14.10
C ARG A 23 -0.48 -1.82 -15.46
N PRO A 24 -1.73 -1.39 -15.45
CA PRO A 24 -2.40 -0.99 -16.72
C PRO A 24 -1.83 0.33 -17.24
N GLU A 25 -1.99 0.58 -18.51
CA GLU A 25 -1.46 1.85 -19.10
C GLU A 25 -2.54 2.94 -19.09
N ARG A 26 -3.77 2.59 -19.35
CA ARG A 26 -4.87 3.60 -19.35
C ARG A 26 -6.11 3.05 -18.64
N ARG A 1 -5.62 6.79 12.91
CA ARG A 1 -4.65 7.71 12.27
C ARG A 1 -3.42 7.89 13.18
N SER A 2 -2.55 6.91 13.22
CA SER A 2 -1.32 7.03 14.07
C SER A 2 -0.05 6.85 13.22
N ALA A 3 0.98 7.60 13.53
CA ALA A 3 2.25 7.49 12.75
C ALA A 3 2.96 6.15 13.02
N LEU A 4 2.82 5.61 14.21
CA LEU A 4 3.48 4.31 14.53
C LEU A 4 2.56 3.12 14.24
N VAL A 5 1.35 3.38 13.76
CA VAL A 5 0.41 2.25 13.46
C VAL A 5 -0.05 2.33 11.99
N ASN A 6 -0.45 3.50 11.55
CA ASN A 6 -0.92 3.64 10.14
C ASN A 6 0.24 3.48 9.14
N SER A 7 1.47 3.60 9.58
CA SER A 7 2.63 3.45 8.65
C SER A 7 2.50 2.13 7.87
N TYR A 8 2.30 1.03 8.57
CA TYR A 8 2.15 -0.28 7.87
C TYR A 8 0.77 -0.35 7.19
N LEU A 9 -0.25 0.14 7.87
CA LEU A 9 -1.62 0.11 7.28
C LEU A 9 -1.65 0.89 5.95
N TRP A 10 -0.94 1.99 5.87
CA TRP A 10 -0.90 2.78 4.60
C TRP A 10 -0.21 1.99 3.49
N GLN A 11 0.96 1.46 3.78
CA GLN A 11 1.70 0.67 2.73
C GLN A 11 0.90 -0.57 2.34
N ARG A 12 0.33 -1.26 3.30
CA ARG A 12 -0.48 -2.49 2.98
C ARG A 12 -1.69 -2.11 2.11
N TRP A 13 -2.12 -0.87 2.17
CA TRP A 13 -3.29 -0.43 1.36
C TRP A 13 -2.81 0.01 -0.04
N GLU A 14 -1.88 0.91 -0.08
CA GLU A 14 -1.37 1.42 -1.39
C GLU A 14 -0.55 0.35 -2.13
N ASN A 15 0.00 -0.61 -1.42
CA ASN A 15 0.79 -1.68 -2.11
C ASN A 15 -0.05 -2.29 -3.24
N TRP A 16 -1.23 -2.77 -2.93
CA TRP A 16 -2.11 -3.36 -3.99
C TRP A 16 -2.57 -2.24 -4.93
N PHE A 17 -2.92 -1.10 -4.40
CA PHE A 17 -3.39 0.04 -5.25
C PHE A 17 -2.33 0.38 -6.31
N TRP A 18 -1.12 0.65 -5.90
CA TRP A 18 -0.05 1.00 -6.90
C TRP A 18 0.18 -0.17 -7.86
N ASN A 19 0.18 -1.38 -7.36
CA ASN A 19 0.41 -2.56 -8.26
C ASN A 19 -0.57 -2.57 -9.44
N VAL A 20 -1.83 -2.28 -9.21
CA VAL A 20 -2.82 -2.28 -10.34
C VAL A 20 -2.90 -0.89 -11.00
N THR A 21 -2.52 0.15 -10.29
CA THR A 21 -2.57 1.52 -10.89
C THR A 21 -1.34 1.77 -11.76
N LEU A 22 -0.24 1.12 -11.48
CA LEU A 22 1.00 1.31 -12.29
C LEU A 22 0.95 0.46 -13.57
N ARG A 23 0.04 -0.48 -13.65
CA ARG A 23 -0.05 -1.34 -14.87
C ARG A 23 -0.42 -0.51 -16.10
N PRO A 24 -1.50 0.26 -16.01
CA PRO A 24 -1.93 1.10 -17.15
C PRO A 24 -0.97 2.29 -17.35
N GLU A 25 -1.25 3.12 -18.34
CA GLU A 25 -0.37 4.31 -18.59
C GLU A 25 -0.45 5.31 -17.43
N ARG A 26 0.44 6.28 -17.41
CA ARG A 26 0.42 7.29 -16.32
C ARG A 26 0.04 8.67 -16.87
N ARG A 1 -5.49 4.55 19.81
CA ARG A 1 -5.01 3.95 18.54
C ARG A 1 -3.53 3.57 18.63
N SER A 2 -3.06 2.71 17.76
CA SER A 2 -1.63 2.30 17.80
C SER A 2 -0.79 3.22 16.89
N ALA A 3 0.49 2.95 16.78
CA ALA A 3 1.37 3.80 15.91
C ALA A 3 2.00 2.97 14.79
N LEU A 4 2.51 1.81 15.10
CA LEU A 4 3.14 0.95 14.04
C LEU A 4 2.09 0.06 13.35
N VAL A 5 0.83 0.38 13.46
CA VAL A 5 -0.23 -0.45 12.81
C VAL A 5 -0.79 0.28 11.58
N ASN A 6 -1.28 1.48 11.78
CA ASN A 6 -1.85 2.26 10.63
C ASN A 6 -0.73 2.64 9.66
N SER A 7 0.43 3.01 10.15
CA SER A 7 1.56 3.37 9.23
C SER A 7 1.83 2.19 8.28
N TYR A 8 2.04 1.01 8.82
CA TYR A 8 2.28 -0.18 7.97
C TYR A 8 1.07 -0.41 7.06
N LEU A 9 -0.11 -0.31 7.62
CA LEU A 9 -1.35 -0.51 6.81
C LEU A 9 -1.41 0.50 5.65
N TRP A 10 -1.04 1.73 5.90
CA TRP A 10 -1.06 2.77 4.83
C TRP A 10 -0.07 2.39 3.72
N GLN A 11 1.14 2.04 4.07
CA GLN A 11 2.15 1.66 3.03
C GLN A 11 1.62 0.48 2.19
N ARG A 12 0.93 -0.44 2.80
CA ARG A 12 0.37 -1.60 2.05
C ARG A 12 -0.76 -1.14 1.11
N TRP A 13 -1.57 -0.21 1.56
CA TRP A 13 -2.69 0.28 0.69
C TRP A 13 -2.11 0.85 -0.60
N GLU A 14 -1.02 1.58 -0.53
CA GLU A 14 -0.40 2.14 -1.76
C GLU A 14 0.16 1.00 -2.61
N ASN A 15 0.89 0.11 -2.00
CA ASN A 15 1.46 -1.06 -2.76
C ASN A 15 0.32 -1.82 -3.44
N TRP A 16 -0.72 -2.15 -2.72
CA TRP A 16 -1.87 -2.88 -3.34
C TRP A 16 -2.49 -2.01 -4.44
N PHE A 17 -2.74 -0.76 -4.14
CA PHE A 17 -3.35 0.15 -5.16
C PHE A 17 -2.46 0.20 -6.41
N TRP A 18 -1.18 0.46 -6.24
CA TRP A 18 -0.27 0.50 -7.42
C TRP A 18 -0.19 -0.88 -8.09
N ASN A 19 -0.36 -1.94 -7.34
CA ASN A 19 -0.32 -3.30 -7.96
C ASN A 19 -1.54 -3.54 -8.86
N VAL A 20 -2.71 -3.12 -8.42
CA VAL A 20 -3.94 -3.31 -9.25
C VAL A 20 -4.14 -2.14 -10.23
N THR A 21 -3.65 -0.96 -9.88
CA THR A 21 -3.82 0.21 -10.79
C THR A 21 -2.72 0.23 -11.86
N LEU A 22 -1.49 0.07 -11.46
CA LEU A 22 -0.37 0.07 -12.46
C LEU A 22 -0.13 -1.35 -12.96
N ARG A 23 -0.11 -2.32 -12.07
CA ARG A 23 0.12 -3.74 -12.48
C ARG A 23 1.38 -3.87 -13.35
N PRO A 24 2.52 -3.63 -12.74
CA PRO A 24 3.81 -3.71 -13.47
C PRO A 24 4.16 -5.17 -13.77
N GLU A 25 5.07 -5.40 -14.68
CA GLU A 25 5.47 -6.80 -15.03
C GLU A 25 6.88 -7.10 -14.49
N ARG A 26 7.15 -6.69 -13.27
CA ARG A 26 8.50 -6.94 -12.65
C ARG A 26 9.64 -6.39 -13.53
N ARG A 1 -2.53 0.13 19.29
CA ARG A 1 -2.21 0.82 18.01
C ARG A 1 -1.12 1.89 18.22
N SER A 2 -0.30 2.12 17.23
CA SER A 2 0.79 3.14 17.38
C SER A 2 1.08 3.81 16.03
N ALA A 3 1.94 4.80 16.02
CA ALA A 3 2.29 5.51 14.74
C ALA A 3 2.97 4.55 13.76
N LEU A 4 3.70 3.59 14.25
CA LEU A 4 4.40 2.62 13.34
C LEU A 4 3.38 1.63 12.76
N VAL A 5 2.36 1.29 13.52
CA VAL A 5 1.33 0.33 13.02
C VAL A 5 0.55 0.95 11.85
N ASN A 6 0.07 2.15 12.00
CA ASN A 6 -0.69 2.82 10.90
C ASN A 6 0.20 3.02 9.67
N SER A 7 1.46 3.34 9.88
CA SER A 7 2.39 3.54 8.71
C SER A 7 2.44 2.26 7.87
N TYR A 8 2.59 1.12 8.51
CA TYR A 8 2.62 -0.17 7.77
C TYR A 8 1.24 -0.45 7.16
N LEU A 9 0.19 -0.22 7.93
CA LEU A 9 -1.20 -0.45 7.41
C LEU A 9 -1.47 0.45 6.20
N TRP A 10 -1.09 1.71 6.29
CA TRP A 10 -1.32 2.65 5.14
C TRP A 10 -0.55 2.16 3.91
N GLN A 11 0.66 1.69 4.08
CA GLN A 11 1.46 1.19 2.92
C GLN A 11 0.68 0.09 2.18
N ARG A 12 0.11 -0.84 2.91
CA ARG A 12 -0.67 -1.95 2.26
C ARG A 12 -1.75 -1.37 1.34
N TRP A 13 -2.42 -0.34 1.79
CA TRP A 13 -3.51 0.29 0.97
C TRP A 13 -2.96 0.67 -0.41
N GLU A 14 -1.97 1.52 -0.44
CA GLU A 14 -1.37 1.94 -1.75
C GLU A 14 -0.63 0.78 -2.41
N ASN A 15 -0.06 -0.11 -1.62
CA ASN A 15 0.66 -1.29 -2.21
C ASN A 15 -0.25 -2.00 -3.21
N TRP A 16 -1.51 -2.20 -2.85
CA TRP A 16 -2.45 -2.89 -3.78
C TRP A 16 -2.74 -1.96 -4.97
N PHE A 17 -3.01 -0.70 -4.70
CA PHE A 17 -3.28 0.26 -5.80
C PHE A 17 -2.10 0.31 -6.76
N TRP A 18 -0.91 0.52 -6.24
CA TRP A 18 0.31 0.55 -7.12
C TRP A 18 0.51 -0.80 -7.79
N ASN A 19 0.16 -1.88 -7.13
CA ASN A 19 0.33 -3.23 -7.74
C ASN A 19 -0.57 -3.39 -8.97
N VAL A 20 -1.79 -2.91 -8.92
CA VAL A 20 -2.70 -3.03 -10.10
C VAL A 20 -2.63 -1.78 -10.99
N THR A 21 -2.16 -0.67 -10.48
CA THR A 21 -2.07 0.57 -11.31
C THR A 21 -0.70 0.65 -11.99
N LEU A 22 0.36 0.55 -11.24
CA LEU A 22 1.73 0.61 -11.84
C LEU A 22 2.14 -0.78 -12.36
N ARG A 23 1.46 -1.82 -11.94
CA ARG A 23 1.79 -3.20 -12.41
C ARG A 23 3.30 -3.50 -12.23
N PRO A 24 3.75 -3.42 -11.00
CA PRO A 24 5.18 -3.69 -10.69
C PRO A 24 5.49 -5.19 -10.81
N GLU A 25 6.72 -5.53 -11.06
CA GLU A 25 7.10 -6.97 -11.19
C GLU A 25 7.50 -7.53 -9.81
N ARG A 26 7.28 -8.81 -9.60
CA ARG A 26 7.65 -9.43 -8.28
C ARG A 26 7.89 -10.94 -8.45
N ARG A 1 -3.79 4.81 17.75
CA ARG A 1 -3.01 4.72 19.03
C ARG A 1 -1.78 3.81 18.85
N SER A 2 -1.07 3.95 17.76
CA SER A 2 0.14 3.09 17.52
C SER A 2 0.98 3.67 16.38
N ALA A 3 2.27 3.47 16.43
CA ALA A 3 3.17 4.00 15.35
C ALA A 3 3.43 2.93 14.28
N LEU A 4 3.37 1.67 14.64
CA LEU A 4 3.62 0.58 13.63
C LEU A 4 2.32 -0.18 13.32
N VAL A 5 1.18 0.41 13.56
CA VAL A 5 -0.11 -0.28 13.25
C VAL A 5 -0.83 0.42 12.09
N ASN A 6 -0.73 1.72 12.01
CA ASN A 6 -1.40 2.46 10.90
C ASN A 6 -0.38 2.76 9.80
N SER A 7 0.84 3.08 10.16
CA SER A 7 1.90 3.39 9.15
C SER A 7 2.08 2.22 8.18
N TYR A 8 2.30 1.03 8.68
CA TYR A 8 2.47 -0.15 7.77
C TYR A 8 1.16 -0.45 7.03
N LEU A 9 0.04 -0.10 7.61
CA LEU A 9 -1.27 -0.34 6.93
C LEU A 9 -1.42 0.64 5.76
N TRP A 10 -1.03 1.87 5.93
CA TRP A 10 -1.12 2.86 4.82
C TRP A 10 -0.27 2.39 3.63
N GLN A 11 0.95 1.98 3.89
CA GLN A 11 1.83 1.49 2.78
C GLN A 11 1.18 0.28 2.10
N ARG A 12 0.53 -0.56 2.86
CA ARG A 12 -0.14 -1.76 2.26
C ARG A 12 -1.25 -1.32 1.29
N TRP A 13 -1.98 -0.28 1.64
CA TRP A 13 -3.07 0.22 0.75
C TRP A 13 -2.47 0.71 -0.58
N GLU A 14 -1.41 1.49 -0.51
CA GLU A 14 -0.77 1.99 -1.76
C GLU A 14 -0.06 0.82 -2.48
N ASN A 15 0.52 -0.08 -1.73
CA ASN A 15 1.19 -1.26 -2.36
C ASN A 15 0.18 -2.02 -3.22
N TRP A 16 -0.98 -2.31 -2.68
CA TRP A 16 -2.02 -3.01 -3.47
C TRP A 16 -2.57 -2.06 -4.54
N PHE A 17 -2.78 -0.81 -4.20
CA PHE A 17 -3.30 0.16 -5.20
C PHE A 17 -2.38 0.18 -6.42
N TRP A 18 -1.12 0.49 -6.23
CA TRP A 18 -0.16 0.51 -7.37
C TRP A 18 -0.07 -0.87 -8.01
N ASN A 19 -0.20 -1.92 -7.22
CA ASN A 19 -0.13 -3.31 -7.78
C ASN A 19 -1.14 -3.48 -8.93
N VAL A 20 -2.30 -2.88 -8.79
CA VAL A 20 -3.34 -3.00 -9.87
C VAL A 20 -3.41 -1.71 -10.71
N THR A 21 -3.06 -0.59 -10.14
CA THR A 21 -3.11 0.70 -10.91
C THR A 21 -1.96 0.77 -11.93
N LEU A 22 -0.79 0.30 -11.56
CA LEU A 22 0.36 0.35 -12.52
C LEU A 22 0.09 -0.50 -13.77
N ARG A 23 -0.62 -1.58 -13.61
CA ARG A 23 -0.92 -2.45 -14.80
C ARG A 23 -2.45 -2.60 -14.98
N PRO A 24 -3.04 -1.57 -15.55
CA PRO A 24 -4.51 -1.59 -15.79
C PRO A 24 -4.85 -2.49 -17.00
N GLU A 25 -4.71 -3.77 -16.84
CA GLU A 25 -5.02 -4.71 -17.96
C GLU A 25 -6.20 -5.63 -17.58
N ARG A 26 -6.40 -6.70 -18.32
CA ARG A 26 -7.52 -7.63 -18.02
C ARG A 26 -6.97 -9.02 -17.64
N ARG A 1 -3.27 5.40 19.93
CA ARG A 1 -1.85 5.72 20.25
C ARG A 1 -0.91 4.83 19.42
N SER A 2 -0.79 5.13 18.14
CA SER A 2 0.11 4.31 17.27
C SER A 2 0.81 5.20 16.25
N ALA A 3 2.10 5.07 16.13
CA ALA A 3 2.86 5.91 15.14
C ALA A 3 3.31 5.05 13.95
N LEU A 4 3.64 3.81 14.18
CA LEU A 4 4.09 2.93 13.05
C LEU A 4 3.00 1.92 12.64
N VAL A 5 1.99 1.75 13.46
CA VAL A 5 0.90 0.77 13.13
C VAL A 5 0.10 1.28 11.91
N ASN A 6 -0.34 2.51 11.95
CA ASN A 6 -1.13 3.05 10.80
C ASN A 6 -0.24 3.13 9.55
N SER A 7 1.03 3.49 9.72
CA SER A 7 1.95 3.57 8.54
C SER A 7 2.09 2.19 7.88
N TYR A 8 2.25 1.16 8.69
CA TYR A 8 2.37 -0.22 8.13
C TYR A 8 1.07 -0.57 7.37
N LEU A 9 -0.06 -0.20 7.92
CA LEU A 9 -1.36 -0.49 7.23
C LEU A 9 -1.51 0.40 6.00
N TRP A 10 -1.10 1.65 6.10
CA TRP A 10 -1.22 2.58 4.94
C TRP A 10 -0.32 2.10 3.79
N GLN A 11 0.92 1.76 4.07
CA GLN A 11 1.84 1.28 2.99
C GLN A 11 1.22 0.11 2.24
N ARG A 12 0.58 -0.80 2.95
CA ARG A 12 -0.06 -1.97 2.28
C ARG A 12 -1.23 -1.52 1.40
N TRP A 13 -2.03 -0.59 1.87
CA TRP A 13 -3.18 -0.09 1.06
C TRP A 13 -2.66 0.51 -0.27
N GLU A 14 -1.65 1.33 -0.19
CA GLU A 14 -1.09 1.93 -1.45
C GLU A 14 -0.35 0.86 -2.26
N ASN A 15 0.34 -0.03 -1.59
CA ASN A 15 1.08 -1.12 -2.31
C ASN A 15 0.11 -1.87 -3.24
N TRP A 16 -1.06 -2.22 -2.74
CA TRP A 16 -2.05 -2.94 -3.61
C TRP A 16 -2.50 -2.00 -4.74
N PHE A 17 -2.81 -0.76 -4.40
CA PHE A 17 -3.25 0.22 -5.45
C PHE A 17 -2.22 0.25 -6.59
N TRP A 18 -0.96 0.35 -6.25
CA TRP A 18 0.10 0.37 -7.30
C TRP A 18 0.10 -0.95 -8.08
N ASN A 19 -0.12 -2.06 -7.41
CA ASN A 19 -0.13 -3.38 -8.12
C ASN A 19 -1.14 -3.37 -9.28
N VAL A 20 -2.25 -2.68 -9.14
CA VAL A 20 -3.26 -2.64 -10.24
C VAL A 20 -3.27 -1.27 -10.95
N THR A 21 -2.47 -0.32 -10.49
CA THR A 21 -2.45 1.03 -11.15
C THR A 21 -1.09 1.30 -11.82
N LEU A 22 -0.08 0.55 -11.48
CA LEU A 22 1.27 0.77 -12.11
C LEU A 22 1.19 0.58 -13.63
N ARG A 23 0.37 -0.32 -14.09
CA ARG A 23 0.22 -0.57 -15.56
C ARG A 23 1.58 -0.95 -16.19
N PRO A 24 1.99 -2.18 -15.94
CA PRO A 24 3.28 -2.67 -16.49
C PRO A 24 3.18 -2.91 -18.00
N GLU A 25 4.29 -3.18 -18.65
CA GLU A 25 4.28 -3.43 -20.12
C GLU A 25 3.79 -4.85 -20.43
N ARG A 26 4.16 -5.82 -19.61
CA ARG A 26 3.73 -7.24 -19.83
C ARG A 26 4.23 -7.77 -21.19
N ARG A 1 -1.04 4.71 21.48
CA ARG A 1 -1.38 3.77 20.36
C ARG A 1 -0.09 3.30 19.67
N SER A 2 -0.19 2.33 18.80
CA SER A 2 1.02 1.82 18.09
C SER A 2 1.49 2.82 17.04
N ALA A 3 2.77 2.89 16.79
CA ALA A 3 3.29 3.86 15.77
C ALA A 3 3.73 3.12 14.49
N LEU A 4 4.37 1.99 14.63
CA LEU A 4 4.83 1.23 13.42
C LEU A 4 3.71 0.33 12.86
N VAL A 5 2.50 0.48 13.33
CA VAL A 5 1.38 -0.36 12.82
C VAL A 5 0.58 0.44 11.77
N ASN A 6 0.19 1.65 12.11
CA ASN A 6 -0.59 2.48 11.15
C ASN A 6 0.25 2.81 9.91
N SER A 7 1.53 3.06 10.10
CA SER A 7 2.41 3.38 8.94
C SER A 7 2.37 2.21 7.93
N TYR A 8 2.63 1.01 8.39
CA TYR A 8 2.58 -0.17 7.48
C TYR A 8 1.14 -0.38 7.00
N LEU A 9 0.18 -0.19 7.87
CA LEU A 9 -1.26 -0.36 7.47
C LEU A 9 -1.60 0.61 6.34
N TRP A 10 -1.02 1.80 6.37
CA TRP A 10 -1.30 2.79 5.29
C TRP A 10 -0.59 2.37 4.00
N GLN A 11 0.63 1.87 4.11
CA GLN A 11 1.38 1.43 2.89
C GLN A 11 0.61 0.29 2.19
N ARG A 12 -0.02 -0.57 2.95
CA ARG A 12 -0.80 -1.70 2.35
C ARG A 12 -1.84 -1.15 1.35
N TRP A 13 -2.47 -0.04 1.70
CA TRP A 13 -3.51 0.56 0.80
C TRP A 13 -2.91 0.85 -0.59
N GLU A 14 -1.91 1.68 -0.65
CA GLU A 14 -1.28 2.02 -1.95
C GLU A 14 -0.53 0.81 -2.52
N ASN A 15 0.00 -0.04 -1.67
CA ASN A 15 0.74 -1.24 -2.18
C ASN A 15 -0.14 -2.00 -3.17
N TRP A 16 -1.38 -2.27 -2.81
CA TRP A 16 -2.30 -2.99 -3.74
C TRP A 16 -2.65 -2.06 -4.91
N PHE A 17 -2.94 -0.82 -4.63
CA PHE A 17 -3.30 0.15 -5.72
C PHE A 17 -2.16 0.18 -6.76
N TRP A 18 -0.96 0.46 -6.34
CA TRP A 18 0.19 0.48 -7.29
C TRP A 18 0.41 -0.90 -7.91
N ASN A 19 0.14 -1.95 -7.17
CA ASN A 19 0.32 -3.34 -7.71
C ASN A 19 -0.56 -3.55 -8.96
N VAL A 20 -1.77 -3.03 -8.96
CA VAL A 20 -2.66 -3.22 -10.15
C VAL A 20 -2.69 -1.94 -11.02
N THR A 21 -1.94 -0.93 -10.66
CA THR A 21 -1.94 0.33 -11.48
C THR A 21 -0.64 0.45 -12.28
N LEU A 22 0.47 0.06 -11.71
CA LEU A 22 1.77 0.14 -12.44
C LEU A 22 1.78 -0.81 -13.63
N ARG A 23 1.59 -2.08 -13.39
CA ARG A 23 1.57 -3.08 -14.51
C ARG A 23 0.98 -4.41 -14.03
N PRO A 24 -0.33 -4.46 -14.01
CA PRO A 24 -1.05 -5.69 -13.56
C PRO A 24 -0.92 -6.81 -14.61
N GLU A 25 -1.43 -7.98 -14.30
CA GLU A 25 -1.36 -9.14 -15.26
C GLU A 25 0.09 -9.51 -15.57
N ARG A 26 0.29 -10.54 -16.36
CA ARG A 26 1.70 -10.96 -16.70
C ARG A 26 1.71 -11.82 -17.98
N ARG A 1 -4.88 7.44 16.76
CA ARG A 1 -4.14 6.54 15.83
C ARG A 1 -2.86 6.02 16.48
N SER A 2 -2.20 5.07 15.88
CA SER A 2 -0.94 4.52 16.44
C SER A 2 0.23 4.75 15.47
N ALA A 3 1.44 4.66 15.95
CA ALA A 3 2.61 4.88 15.06
C ALA A 3 3.08 3.56 14.43
N LEU A 4 3.08 2.49 15.20
CA LEU A 4 3.51 1.17 14.65
C LEU A 4 2.31 0.38 14.10
N VAL A 5 1.23 1.06 13.77
CA VAL A 5 0.03 0.35 13.22
C VAL A 5 -0.35 0.93 11.86
N ASN A 6 -0.40 2.24 11.74
CA ASN A 6 -0.77 2.87 10.43
C ASN A 6 0.37 2.72 9.41
N SER A 7 1.58 2.54 9.86
CA SER A 7 2.74 2.39 8.91
C SER A 7 2.44 1.34 7.84
N TYR A 8 2.11 0.13 8.25
CA TYR A 8 1.79 -0.93 7.26
C TYR A 8 0.40 -0.69 6.66
N LEU A 9 -0.56 -0.32 7.46
CA LEU A 9 -1.94 -0.06 6.94
C LEU A 9 -1.92 0.99 5.83
N TRP A 10 -1.11 2.02 5.98
CA TRP A 10 -1.05 3.08 4.92
C TRP A 10 -0.31 2.55 3.69
N GLN A 11 0.84 1.94 3.89
CA GLN A 11 1.61 1.41 2.72
C GLN A 11 0.82 0.30 2.00
N ARG A 12 0.40 -0.72 2.72
CA ARG A 12 -0.39 -1.82 2.08
C ARG A 12 -1.55 -1.26 1.25
N TRP A 13 -2.19 -0.22 1.73
CA TRP A 13 -3.33 0.39 0.98
C TRP A 13 -2.88 0.87 -0.41
N GLU A 14 -1.90 1.75 -0.44
CA GLU A 14 -1.41 2.30 -1.73
C GLU A 14 -0.50 1.30 -2.46
N ASN A 15 0.38 0.64 -1.75
CA ASN A 15 1.28 -0.35 -2.42
C ASN A 15 0.44 -1.36 -3.21
N TRP A 16 -0.64 -1.83 -2.65
CA TRP A 16 -1.52 -2.79 -3.38
C TRP A 16 -2.22 -2.05 -4.53
N PHE A 17 -2.75 -0.89 -4.26
CA PHE A 17 -3.44 -0.11 -5.34
C PHE A 17 -2.46 0.18 -6.48
N TRP A 18 -1.26 0.58 -6.16
CA TRP A 18 -0.25 0.89 -7.22
C TRP A 18 0.30 -0.40 -7.85
N ASN A 19 0.08 -1.55 -7.24
CA ASN A 19 0.60 -2.82 -7.82
C ASN A 19 -0.54 -3.58 -8.54
N VAL A 20 -1.77 -3.35 -8.17
CA VAL A 20 -2.91 -4.08 -8.81
C VAL A 20 -3.68 -3.14 -9.77
N THR A 21 -3.90 -1.92 -9.37
CA THR A 21 -4.67 -0.98 -10.26
C THR A 21 -3.79 -0.45 -11.40
N LEU A 22 -2.52 -0.24 -11.15
CA LEU A 22 -1.61 0.28 -12.23
C LEU A 22 -1.37 -0.81 -13.28
N ARG A 23 -0.74 -1.89 -12.89
CA ARG A 23 -0.46 -3.01 -13.84
C ARG A 23 0.16 -2.49 -15.15
N PRO A 24 1.34 -1.90 -15.03
CA PRO A 24 2.04 -1.35 -16.22
C PRO A 24 2.68 -2.47 -17.03
N GLU A 25 1.92 -3.12 -17.89
CA GLU A 25 2.47 -4.23 -18.72
C GLU A 25 3.15 -5.30 -17.83
N ARG A 26 2.55 -5.61 -16.71
CA ARG A 26 3.16 -6.64 -15.79
C ARG A 26 2.16 -7.78 -15.54
N ARG A 1 -1.13 2.85 19.77
CA ARG A 1 0.16 3.61 19.85
C ARG A 1 1.32 2.74 19.31
N SER A 2 1.38 2.56 18.01
CA SER A 2 2.47 1.73 17.41
C SER A 2 2.95 2.35 16.09
N ALA A 3 4.21 2.20 15.78
CA ALA A 3 4.75 2.78 14.50
C ALA A 3 4.85 1.71 13.40
N LEU A 4 4.66 0.46 13.74
CA LEU A 4 4.74 -0.62 12.70
C LEU A 4 3.33 -1.07 12.27
N VAL A 5 2.31 -0.47 12.81
CA VAL A 5 0.91 -0.87 12.43
C VAL A 5 0.29 0.20 11.53
N ASN A 6 0.23 1.43 11.99
CA ASN A 6 -0.36 2.53 11.16
C ASN A 6 0.46 2.74 9.88
N SER A 7 1.78 2.71 9.99
CA SER A 7 2.63 2.89 8.77
C SER A 7 2.30 1.80 7.74
N TYR A 8 2.23 0.57 8.18
CA TYR A 8 1.89 -0.55 7.24
C TYR A 8 0.45 -0.40 6.76
N LEU A 9 -0.44 -0.02 7.64
CA LEU A 9 -1.88 0.16 7.25
C LEU A 9 -2.01 1.12 6.06
N TRP A 10 -1.19 2.14 6.01
CA TRP A 10 -1.26 3.10 4.87
C TRP A 10 -0.45 2.55 3.68
N GLN A 11 0.74 2.07 3.91
CA GLN A 11 1.57 1.52 2.80
C GLN A 11 0.85 0.35 2.13
N ARG A 12 0.36 -0.60 2.91
CA ARG A 12 -0.37 -1.76 2.31
C ARG A 12 -1.52 -1.27 1.43
N TRP A 13 -2.21 -0.23 1.85
CA TRP A 13 -3.34 0.32 1.05
C TRP A 13 -2.86 0.68 -0.36
N GLU A 14 -1.92 1.58 -0.46
CA GLU A 14 -1.40 2.01 -1.79
C GLU A 14 -0.57 0.88 -2.44
N ASN A 15 0.10 0.08 -1.64
CA ASN A 15 0.91 -1.04 -2.21
C ASN A 15 0.06 -1.85 -3.20
N TRP A 16 -1.15 -2.19 -2.81
CA TRP A 16 -2.05 -2.95 -3.73
C TRP A 16 -2.54 -2.02 -4.85
N PHE A 17 -2.95 -0.82 -4.50
CA PHE A 17 -3.43 0.14 -5.53
C PHE A 17 -2.36 0.32 -6.62
N TRP A 18 -1.12 0.49 -6.23
CA TRP A 18 -0.03 0.67 -7.23
C TRP A 18 0.28 -0.66 -7.91
N ASN A 19 0.35 -1.74 -7.17
CA ASN A 19 0.66 -3.07 -7.79
C ASN A 19 -0.45 -3.47 -8.78
N VAL A 20 -1.69 -3.15 -8.49
CA VAL A 20 -2.81 -3.52 -9.41
C VAL A 20 -2.97 -2.47 -10.52
N THR A 21 -2.76 -1.21 -10.23
CA THR A 21 -2.90 -0.16 -11.29
C THR A 21 -1.65 -0.12 -12.19
N LEU A 22 -0.48 -0.20 -11.60
CA LEU A 22 0.77 -0.16 -12.42
C LEU A 22 1.14 -1.57 -12.91
N ARG A 23 0.74 -2.59 -12.19
CA ARG A 23 1.06 -4.00 -12.60
C ARG A 23 2.58 -4.18 -12.78
N PRO A 24 3.29 -4.18 -11.68
CA PRO A 24 4.77 -4.34 -11.71
C PRO A 24 5.15 -5.79 -12.04
N GLU A 25 6.27 -5.98 -12.68
CA GLU A 25 6.71 -7.37 -13.03
C GLU A 25 7.70 -7.90 -11.98
N ARG A 26 8.73 -7.15 -11.68
CA ARG A 26 9.72 -7.59 -10.66
C ARG A 26 10.12 -6.43 -9.74
N ARG A 1 -3.82 6.92 15.74
CA ARG A 1 -2.80 6.47 14.75
C ARG A 1 -1.44 6.26 15.44
N SER A 2 -0.56 5.51 14.83
CA SER A 2 0.78 5.27 15.43
C SER A 2 1.89 5.60 14.44
N ALA A 3 3.13 5.59 14.88
CA ALA A 3 4.27 5.90 13.97
C ALA A 3 4.81 4.63 13.32
N LEU A 4 4.94 3.56 14.06
CA LEU A 4 5.47 2.28 13.47
C LEU A 4 4.33 1.29 13.22
N VAL A 5 3.09 1.73 13.25
CA VAL A 5 1.95 0.79 13.01
C VAL A 5 1.12 1.28 11.82
N ASN A 6 0.75 2.55 11.81
CA ASN A 6 -0.05 3.10 10.67
C ASN A 6 0.76 3.06 9.37
N SER A 7 2.06 3.20 9.44
CA SER A 7 2.89 3.16 8.20
C SER A 7 2.60 1.87 7.42
N TYR A 8 2.57 0.75 8.10
CA TYR A 8 2.27 -0.55 7.41
C TYR A 8 0.79 -0.59 7.02
N LEU A 9 -0.08 -0.10 7.89
CA LEU A 9 -1.54 -0.11 7.56
C LEU A 9 -1.80 0.76 6.32
N TRP A 10 -1.26 1.95 6.29
CA TRP A 10 -1.45 2.83 5.10
C TRP A 10 -0.76 2.21 3.89
N GLN A 11 0.41 1.64 4.08
CA GLN A 11 1.15 1.01 2.94
C GLN A 11 0.31 -0.13 2.33
N ARG A 12 -0.30 -0.95 3.16
CA ARG A 12 -1.14 -2.08 2.65
C ARG A 12 -2.25 -1.56 1.72
N TRP A 13 -2.65 -0.31 1.88
CA TRP A 13 -3.73 0.25 1.02
C TRP A 13 -3.16 0.62 -0.36
N GLU A 14 -2.21 1.52 -0.39
CA GLU A 14 -1.63 1.96 -1.69
C GLU A 14 -0.75 0.85 -2.31
N ASN A 15 -0.16 0.01 -1.50
CA ASN A 15 0.70 -1.09 -2.05
C ASN A 15 -0.11 -1.89 -3.09
N TRP A 16 -1.29 -2.33 -2.74
CA TRP A 16 -2.13 -3.09 -3.72
C TRP A 16 -2.52 -2.15 -4.86
N PHE A 17 -2.92 -0.94 -4.55
CA PHE A 17 -3.31 0.02 -5.61
C PHE A 17 -2.18 0.19 -6.63
N TRP A 18 -1.02 0.61 -6.18
CA TRP A 18 0.13 0.78 -7.11
C TRP A 18 0.49 -0.57 -7.76
N ASN A 19 0.33 -1.67 -7.05
CA ASN A 19 0.64 -3.01 -7.64
C ASN A 19 -0.15 -3.22 -8.94
N VAL A 20 -1.40 -2.81 -8.96
CA VAL A 20 -2.22 -2.99 -10.20
C VAL A 20 -2.20 -1.72 -11.05
N THR A 21 -2.05 -0.56 -10.44
CA THR A 21 -2.02 0.71 -11.23
C THR A 21 -0.73 0.77 -12.05
N LEU A 22 0.38 0.39 -11.47
CA LEU A 22 1.68 0.43 -12.22
C LEU A 22 1.80 -0.80 -13.13
N ARG A 23 1.97 -1.96 -12.55
CA ARG A 23 2.10 -3.21 -13.37
C ARG A 23 1.65 -4.42 -12.55
N PRO A 24 0.42 -4.83 -12.75
CA PRO A 24 -0.13 -6.00 -12.01
C PRO A 24 0.48 -7.30 -12.54
N GLU A 25 1.04 -8.10 -11.66
CA GLU A 25 1.65 -9.39 -12.10
C GLU A 25 0.64 -10.54 -11.95
N ARG A 26 0.16 -10.77 -10.75
CA ARG A 26 -0.83 -11.87 -10.54
C ARG A 26 -2.01 -11.37 -9.68
N ARG A 1 -4.59 3.33 18.26
CA ARG A 1 -3.36 3.83 18.97
C ARG A 1 -2.14 3.00 18.54
N SER A 2 -1.63 3.24 17.35
CA SER A 2 -0.45 2.47 16.86
C SER A 2 0.49 3.39 16.07
N ALA A 3 1.77 3.18 16.17
CA ALA A 3 2.75 4.03 15.43
C ALA A 3 3.32 3.28 14.22
N LEU A 4 3.70 2.04 14.39
CA LEU A 4 4.27 1.26 13.25
C LEU A 4 3.16 0.54 12.48
N VAL A 5 2.16 0.04 13.18
CA VAL A 5 1.04 -0.67 12.49
C VAL A 5 0.37 0.25 11.46
N ASN A 6 0.18 1.50 11.80
CA ASN A 6 -0.45 2.46 10.84
C ASN A 6 0.43 2.62 9.60
N SER A 7 1.74 2.63 9.77
CA SER A 7 2.64 2.77 8.58
C SER A 7 2.39 1.63 7.61
N TYR A 8 2.37 0.40 8.10
CA TYR A 8 2.09 -0.76 7.21
C TYR A 8 0.66 -0.67 6.68
N LEU A 9 -0.29 -0.38 7.53
CA LEU A 9 -1.71 -0.25 7.08
C LEU A 9 -1.82 0.83 5.99
N TRP A 10 -1.18 1.95 6.19
CA TRP A 10 -1.21 3.03 5.16
C TRP A 10 -0.47 2.58 3.90
N GLN A 11 0.67 1.94 4.06
CA GLN A 11 1.44 1.46 2.88
C GLN A 11 0.64 0.39 2.12
N ARG A 12 0.16 -0.62 2.83
CA ARG A 12 -0.63 -1.70 2.16
C ARG A 12 -1.80 -1.08 1.36
N TRP A 13 -2.37 -0.01 1.85
CA TRP A 13 -3.50 0.65 1.14
C TRP A 13 -3.06 1.14 -0.25
N GLU A 14 -2.02 1.94 -0.29
CA GLU A 14 -1.53 2.48 -1.59
C GLU A 14 -0.69 1.44 -2.35
N ASN A 15 0.17 0.73 -1.68
CA ASN A 15 1.01 -0.31 -2.37
C ASN A 15 0.11 -1.30 -3.12
N TRP A 16 -1.01 -1.67 -2.55
CA TRP A 16 -1.92 -2.63 -3.26
C TRP A 16 -2.43 -1.99 -4.55
N PHE A 17 -2.92 -0.76 -4.47
CA PHE A 17 -3.43 -0.08 -5.69
C PHE A 17 -2.34 -0.03 -6.76
N TRP A 18 -1.16 0.43 -6.40
CA TRP A 18 -0.04 0.49 -7.40
C TRP A 18 0.34 -0.92 -7.88
N ASN A 19 0.20 -1.91 -7.04
CA ASN A 19 0.56 -3.32 -7.47
C ASN A 19 -0.37 -3.78 -8.60
N VAL A 20 -1.64 -3.49 -8.51
CA VAL A 20 -2.59 -3.93 -9.58
C VAL A 20 -2.71 -2.85 -10.69
N THR A 21 -2.24 -1.65 -10.43
CA THR A 21 -2.33 -0.57 -11.46
C THR A 21 -1.04 -0.52 -12.30
N LEU A 22 0.10 -0.79 -11.69
CA LEU A 22 1.38 -0.75 -12.46
C LEU A 22 1.71 -2.15 -13.00
N ARG A 23 2.36 -2.98 -12.23
CA ARG A 23 2.72 -4.34 -12.71
C ARG A 23 3.17 -5.22 -11.53
N PRO A 24 2.41 -6.26 -11.26
CA PRO A 24 2.74 -7.19 -10.16
C PRO A 24 3.99 -8.00 -10.49
N GLU A 25 4.82 -8.26 -9.50
CA GLU A 25 6.07 -9.06 -9.75
C GLU A 25 5.83 -10.52 -9.39
N ARG A 26 5.41 -10.81 -8.18
CA ARG A 26 5.16 -12.22 -7.78
C ARG A 26 3.85 -12.32 -6.98
N ARG A 1 1.99 5.73 21.77
CA ARG A 1 1.25 5.25 20.56
C ARG A 1 2.17 4.39 19.68
N SER A 2 1.63 3.39 19.05
CA SER A 2 2.47 2.51 18.16
C SER A 2 2.83 3.25 16.86
N ALA A 3 3.98 2.98 16.32
CA ALA A 3 4.40 3.67 15.06
C ALA A 3 4.39 2.68 13.88
N LEU A 4 4.81 1.45 14.10
CA LEU A 4 4.84 0.45 12.99
C LEU A 4 3.47 -0.24 12.82
N VAL A 5 2.43 0.29 13.42
CA VAL A 5 1.07 -0.34 13.28
C VAL A 5 0.23 0.43 12.25
N ASN A 6 0.33 1.74 12.24
CA ASN A 6 -0.46 2.54 11.26
C ASN A 6 0.35 2.77 9.97
N SER A 7 1.63 2.98 10.08
CA SER A 7 2.48 3.21 8.86
C SER A 7 2.39 2.02 7.90
N TYR A 8 2.63 0.82 8.38
CA TYR A 8 2.55 -0.38 7.49
C TYR A 8 1.11 -0.56 6.96
N LEU A 9 0.13 -0.16 7.72
CA LEU A 9 -1.29 -0.27 7.25
C LEU A 9 -1.53 0.67 6.07
N TRP A 10 -1.11 1.91 6.20
CA TRP A 10 -1.30 2.89 5.08
C TRP A 10 -0.57 2.36 3.83
N GLN A 11 0.57 1.75 4.01
CA GLN A 11 1.31 1.20 2.83
C GLN A 11 0.44 0.15 2.12
N ARG A 12 -0.15 -0.76 2.86
CA ARG A 12 -1.02 -1.81 2.25
C ARG A 12 -2.06 -1.17 1.33
N TRP A 13 -2.60 -0.04 1.73
CA TRP A 13 -3.64 0.66 0.89
C TRP A 13 -3.06 1.02 -0.49
N GLU A 14 -1.99 1.76 -0.51
CA GLU A 14 -1.38 2.18 -1.80
C GLU A 14 -0.60 1.04 -2.46
N ASN A 15 0.11 0.24 -1.69
CA ASN A 15 0.89 -0.89 -2.30
C ASN A 15 -0.03 -1.75 -3.18
N TRP A 16 -1.23 -2.04 -2.73
CA TRP A 16 -2.17 -2.84 -3.56
C TRP A 16 -2.56 -2.03 -4.80
N PHE A 17 -2.96 -0.80 -4.61
CA PHE A 17 -3.36 0.05 -5.77
C PHE A 17 -2.21 0.14 -6.78
N TRP A 18 -1.04 0.49 -6.33
CA TRP A 18 0.13 0.58 -7.25
C TRP A 18 0.45 -0.80 -7.85
N ASN A 19 0.19 -1.86 -7.12
CA ASN A 19 0.48 -3.23 -7.65
C ASN A 19 -0.40 -3.54 -8.87
N VAL A 20 -1.69 -3.27 -8.77
CA VAL A 20 -2.61 -3.55 -9.94
C VAL A 20 -2.62 -2.37 -10.93
N THR A 21 -2.34 -1.18 -10.47
CA THR A 21 -2.35 0.00 -11.41
C THR A 21 -1.06 0.05 -12.23
N LEU A 22 0.06 -0.30 -11.65
CA LEU A 22 1.35 -0.28 -12.40
C LEU A 22 1.59 -1.62 -13.11
N ARG A 23 1.04 -2.69 -12.59
CA ARG A 23 1.22 -4.05 -13.21
C ARG A 23 2.72 -4.41 -13.31
N PRO A 24 3.20 -5.06 -12.27
CA PRO A 24 4.63 -5.49 -12.25
C PRO A 24 4.88 -6.61 -13.26
N GLU A 25 5.73 -6.39 -14.23
CA GLU A 25 6.02 -7.44 -15.26
C GLU A 25 4.71 -7.89 -15.93
N ARG A 26 4.06 -6.99 -16.63
CA ARG A 26 2.76 -7.32 -17.32
C ARG A 26 1.69 -7.73 -16.29
N ARG A 1 -4.75 -0.78 15.89
CA ARG A 1 -4.86 0.65 16.28
C ARG A 1 -3.57 1.12 16.96
N SER A 2 -2.49 1.22 16.22
CA SER A 2 -1.20 1.67 16.82
C SER A 2 -0.41 2.51 15.81
N ALA A 3 0.49 3.33 16.28
CA ALA A 3 1.30 4.18 15.36
C ALA A 3 2.14 3.31 14.41
N LEU A 4 2.74 2.26 14.93
CA LEU A 4 3.56 1.36 14.07
C LEU A 4 2.66 0.53 13.16
N VAL A 5 1.51 0.13 13.64
CA VAL A 5 0.57 -0.68 12.80
C VAL A 5 -0.02 0.17 11.67
N ASN A 6 -0.50 1.35 11.99
CA ASN A 6 -1.09 2.24 10.94
C ASN A 6 -0.02 2.68 9.94
N SER A 7 1.19 2.91 10.40
CA SER A 7 2.29 3.34 9.47
C SER A 7 2.47 2.29 8.35
N TYR A 8 2.46 1.03 8.71
CA TYR A 8 2.61 -0.03 7.67
C TYR A 8 1.27 -0.23 6.95
N LEU A 9 0.17 -0.14 7.67
CA LEU A 9 -1.17 -0.31 7.04
C LEU A 9 -1.35 0.68 5.88
N TRP A 10 -0.93 1.91 6.07
CA TRP A 10 -1.06 2.92 4.98
C TRP A 10 -0.31 2.44 3.74
N GLN A 11 0.88 1.90 3.91
CA GLN A 11 1.64 1.39 2.74
C GLN A 11 0.86 0.26 2.06
N ARG A 12 0.30 -0.64 2.83
CA ARG A 12 -0.50 -1.76 2.24
C ARG A 12 -1.61 -1.19 1.35
N TRP A 13 -2.22 -0.11 1.77
CA TRP A 13 -3.32 0.52 0.96
C TRP A 13 -2.81 0.85 -0.45
N GLU A 14 -1.80 1.69 -0.54
CA GLU A 14 -1.26 2.07 -1.87
C GLU A 14 -0.53 0.88 -2.52
N ASN A 15 0.09 0.04 -1.74
CA ASN A 15 0.81 -1.14 -2.32
C ASN A 15 -0.14 -1.92 -3.24
N TRP A 16 -1.37 -2.13 -2.81
CA TRP A 16 -2.35 -2.86 -3.67
C TRP A 16 -2.74 -1.97 -4.87
N PHE A 17 -3.01 -0.72 -4.62
CA PHE A 17 -3.38 0.22 -5.73
C PHE A 17 -2.24 0.26 -6.76
N TRP A 18 -1.03 0.45 -6.31
CA TRP A 18 0.12 0.50 -7.27
C TRP A 18 0.33 -0.88 -7.90
N ASN A 19 0.08 -1.93 -7.16
CA ASN A 19 0.27 -3.32 -7.73
C ASN A 19 -0.71 -3.57 -8.88
N VAL A 20 -1.96 -3.19 -8.71
CA VAL A 20 -2.96 -3.42 -9.81
C VAL A 20 -2.95 -2.27 -10.83
N THR A 21 -2.52 -1.09 -10.44
CA THR A 21 -2.49 0.05 -11.40
C THR A 21 -1.19 0.02 -12.23
N LEU A 22 -0.09 -0.29 -11.61
CA LEU A 22 1.21 -0.34 -12.35
C LEU A 22 1.54 -1.76 -12.78
N ARG A 23 0.98 -2.75 -12.12
CA ARG A 23 1.26 -4.18 -12.49
C ARG A 23 2.77 -4.44 -12.52
N PRO A 24 3.39 -4.35 -11.37
CA PRO A 24 4.86 -4.57 -11.27
C PRO A 24 5.20 -6.07 -11.42
N GLU A 25 5.47 -6.50 -12.63
CA GLU A 25 5.81 -7.94 -12.86
C GLU A 25 7.27 -8.06 -13.30
N ARG A 26 7.97 -9.06 -12.79
CA ARG A 26 9.40 -9.24 -13.17
C ARG A 26 9.77 -10.74 -13.16
N ARG A 1 -6.13 4.48 15.45
CA ARG A 1 -4.99 5.43 15.41
C ARG A 1 -3.78 4.85 16.15
N SER A 2 -2.64 4.83 15.51
CA SER A 2 -1.40 4.28 16.16
C SER A 2 -0.15 4.74 15.42
N ALA A 3 1.01 4.41 15.92
CA ALA A 3 2.27 4.83 15.24
C ALA A 3 2.84 3.69 14.38
N LEU A 4 2.77 2.47 14.86
CA LEU A 4 3.31 1.32 14.09
C LEU A 4 2.19 0.46 13.48
N VAL A 5 0.97 0.91 13.54
CA VAL A 5 -0.16 0.12 12.95
C VAL A 5 -0.68 0.82 11.69
N ASN A 6 -1.08 2.06 11.81
CA ASN A 6 -1.59 2.81 10.62
C ASN A 6 -0.46 3.02 9.60
N SER A 7 0.75 3.29 10.05
CA SER A 7 1.90 3.48 9.12
C SER A 7 2.07 2.22 8.26
N TYR A 8 2.08 1.07 8.88
CA TYR A 8 2.23 -0.20 8.11
C TYR A 8 0.97 -0.46 7.26
N LEU A 9 -0.20 -0.22 7.83
CA LEU A 9 -1.46 -0.44 7.07
C LEU A 9 -1.52 0.47 5.84
N TRP A 10 -1.10 1.71 5.97
CA TRP A 10 -1.12 2.64 4.81
C TRP A 10 -0.15 2.16 3.72
N GLN A 11 1.07 1.82 4.11
CA GLN A 11 2.07 1.35 3.09
C GLN A 11 1.50 0.18 2.28
N ARG A 12 0.76 -0.69 2.92
CA ARG A 12 0.17 -1.86 2.21
C ARG A 12 -0.96 -1.40 1.27
N TRP A 13 -1.68 -0.36 1.65
CA TRP A 13 -2.80 0.14 0.79
C TRP A 13 -2.24 0.68 -0.55
N GLU A 14 -1.18 1.43 -0.50
CA GLU A 14 -0.59 1.97 -1.77
C GLU A 14 0.06 0.83 -2.56
N ASN A 15 0.73 -0.07 -1.88
CA ASN A 15 1.37 -1.23 -2.60
C ASN A 15 0.31 -1.98 -3.40
N TRP A 16 -0.81 -2.29 -2.78
CA TRP A 16 -1.89 -3.01 -3.50
C TRP A 16 -2.52 -2.08 -4.55
N PHE A 17 -2.73 -0.83 -4.19
CA PHE A 17 -3.33 0.13 -5.16
C PHE A 17 -2.47 0.22 -6.42
N TRP A 18 -1.22 0.58 -6.28
CA TRP A 18 -0.32 0.68 -7.49
C TRP A 18 -0.25 -0.68 -8.20
N ASN A 19 -0.24 -1.76 -7.47
CA ASN A 19 -0.17 -3.11 -8.11
C ASN A 19 -1.32 -3.31 -9.11
N VAL A 20 -2.52 -2.95 -8.73
CA VAL A 20 -3.69 -3.11 -9.66
C VAL A 20 -3.92 -1.84 -10.49
N THR A 21 -3.64 -0.69 -9.94
CA THR A 21 -3.84 0.59 -10.70
C THR A 21 -2.82 0.69 -11.85
N LEU A 22 -1.64 0.15 -11.66
CA LEU A 22 -0.61 0.21 -12.73
C LEU A 22 -0.48 -1.17 -13.38
N ARG A 23 0.57 -1.92 -13.05
CA ARG A 23 0.76 -3.29 -13.62
C ARG A 23 2.13 -3.87 -13.20
N PRO A 24 3.20 -3.15 -13.47
CA PRO A 24 4.55 -3.63 -13.10
C PRO A 24 4.84 -3.38 -11.61
N GLU A 25 6.05 -3.61 -11.18
CA GLU A 25 6.42 -3.37 -9.75
C GLU A 25 6.63 -1.87 -9.49
N ARG A 26 6.70 -1.47 -8.24
CA ARG A 26 6.91 -0.02 -7.93
C ARG A 26 8.13 0.14 -7.01
N ARG A 1 -3.91 2.77 15.58
CA ARG A 1 -3.46 2.20 16.89
C ARG A 1 -1.95 1.93 16.86
N SER A 2 -1.31 1.87 18.01
CA SER A 2 0.16 1.60 18.07
C SER A 2 0.94 2.65 17.27
N ALA A 3 2.19 2.40 16.99
CA ALA A 3 3.01 3.39 16.22
C ALA A 3 3.43 2.82 14.87
N LEU A 4 3.98 1.63 14.84
CA LEU A 4 4.41 1.02 13.54
C LEU A 4 3.32 0.12 12.97
N VAL A 5 2.07 0.37 13.30
CA VAL A 5 0.97 -0.47 12.75
C VAL A 5 0.20 0.31 11.68
N ASN A 6 -0.27 1.49 12.01
CA ASN A 6 -1.02 2.30 11.00
C ASN A 6 -0.08 2.72 9.85
N SER A 7 1.16 2.99 10.16
CA SER A 7 2.13 3.37 9.08
C SER A 7 2.23 2.24 8.05
N TYR A 8 2.42 1.02 8.52
CA TYR A 8 2.49 -0.14 7.60
C TYR A 8 1.12 -0.36 6.94
N LEU A 9 0.05 -0.14 7.69
CA LEU A 9 -1.32 -0.32 7.11
C LEU A 9 -1.51 0.62 5.91
N TRP A 10 -1.09 1.86 6.04
CA TRP A 10 -1.22 2.82 4.92
C TRP A 10 -0.39 2.34 3.73
N GLN A 11 0.84 1.93 3.99
CA GLN A 11 1.72 1.43 2.88
C GLN A 11 1.03 0.28 2.15
N ARG A 12 0.38 -0.59 2.87
CA ARG A 12 -0.34 -1.75 2.23
C ARG A 12 -1.46 -1.25 1.32
N TRP A 13 -2.18 -0.22 1.75
CA TRP A 13 -3.29 0.32 0.90
C TRP A 13 -2.72 0.83 -0.44
N GLU A 14 -1.65 1.58 -0.39
CA GLU A 14 -1.04 2.10 -1.65
C GLU A 14 -0.35 0.95 -2.41
N ASN A 15 0.30 0.07 -1.69
CA ASN A 15 0.97 -1.10 -2.35
C ASN A 15 -0.02 -1.85 -3.24
N TRP A 16 -1.23 -2.05 -2.76
CA TRP A 16 -2.25 -2.77 -3.58
C TRP A 16 -2.69 -1.86 -4.74
N PHE A 17 -2.95 -0.60 -4.46
CA PHE A 17 -3.37 0.35 -5.53
C PHE A 17 -2.33 0.35 -6.65
N TRP A 18 -1.06 0.42 -6.30
CA TRP A 18 0.00 0.43 -7.34
C TRP A 18 0.15 -0.98 -7.95
N ASN A 19 -0.01 -2.01 -7.14
CA ASN A 19 0.10 -3.42 -7.67
C ASN A 19 -0.83 -3.63 -8.86
N VAL A 20 -2.05 -3.14 -8.77
CA VAL A 20 -3.02 -3.32 -9.91
C VAL A 20 -2.82 -2.22 -10.96
N THR A 21 -2.37 -1.06 -10.57
CA THR A 21 -2.16 0.05 -11.55
C THR A 21 -0.84 -0.14 -12.32
N LEU A 22 0.11 -0.84 -11.76
CA LEU A 22 1.42 -1.04 -12.46
C LEU A 22 1.44 -2.38 -13.22
N ARG A 23 0.39 -3.16 -13.12
CA ARG A 23 0.36 -4.50 -13.83
C ARG A 23 0.76 -4.33 -15.31
N PRO A 24 0.07 -3.46 -16.02
CA PRO A 24 0.39 -3.24 -17.46
C PRO A 24 1.72 -2.49 -17.60
N GLU A 25 2.79 -3.20 -17.86
CA GLU A 25 4.13 -2.53 -18.00
C GLU A 25 4.24 -1.88 -19.40
N ARG A 26 5.43 -1.49 -19.78
CA ARG A 26 5.63 -0.85 -21.11
C ARG A 26 6.68 -1.61 -21.92
N ARG A 1 0.18 8.70 18.98
CA ARG A 1 -0.94 7.81 18.54
C ARG A 1 -0.53 7.05 17.26
N SER A 2 -0.87 5.78 17.19
CA SER A 2 -0.50 4.95 16.00
C SER A 2 1.01 5.02 15.71
N ALA A 3 1.41 5.60 14.60
CA ALA A 3 2.87 5.71 14.24
C ALA A 3 3.41 4.35 13.78
N LEU A 4 3.16 3.31 14.53
CA LEU A 4 3.65 1.95 14.13
C LEU A 4 2.47 1.02 13.80
N VAL A 5 1.27 1.55 13.70
CA VAL A 5 0.09 0.70 13.37
C VAL A 5 -0.51 1.13 12.04
N ASN A 6 -0.72 2.42 11.85
CA ASN A 6 -1.29 2.92 10.57
C ASN A 6 -0.19 3.05 9.51
N SER A 7 1.02 3.39 9.91
CA SER A 7 2.13 3.53 8.91
C SER A 7 2.24 2.26 8.07
N TYR A 8 2.25 1.11 8.70
CA TYR A 8 2.33 -0.17 7.94
C TYR A 8 1.02 -0.41 7.18
N LEU A 9 -0.10 -0.17 7.82
CA LEU A 9 -1.42 -0.36 7.14
C LEU A 9 -1.51 0.54 5.91
N TRP A 10 -1.09 1.78 6.03
CA TRP A 10 -1.14 2.71 4.86
C TRP A 10 -0.24 2.19 3.72
N GLN A 11 0.94 1.75 4.03
CA GLN A 11 1.85 1.22 2.96
C GLN A 11 1.19 0.04 2.24
N ARG A 12 0.54 -0.83 2.98
CA ARG A 12 -0.14 -2.00 2.35
C ARG A 12 -1.26 -1.52 1.41
N TRP A 13 -1.99 -0.50 1.79
CA TRP A 13 -3.09 0.01 0.93
C TRP A 13 -2.52 0.53 -0.40
N GLU A 14 -1.45 1.29 -0.36
CA GLU A 14 -0.83 1.81 -1.62
C GLU A 14 -0.13 0.66 -2.37
N ASN A 15 0.46 -0.27 -1.64
CA ASN A 15 1.14 -1.41 -2.31
C ASN A 15 0.16 -2.11 -3.26
N TRP A 16 -1.04 -2.39 -2.80
CA TRP A 16 -2.05 -3.05 -3.68
C TRP A 16 -2.59 -2.03 -4.70
N PHE A 17 -2.85 -0.82 -4.26
CA PHE A 17 -3.38 0.22 -5.19
C PHE A 17 -2.45 0.39 -6.40
N TRP A 18 -1.17 0.51 -6.16
CA TRP A 18 -0.20 0.66 -7.29
C TRP A 18 -0.03 -0.66 -8.04
N ASN A 19 -0.11 -1.78 -7.35
CA ASN A 19 0.03 -3.10 -8.03
C ASN A 19 -1.04 -3.27 -9.13
N VAL A 20 -2.20 -2.68 -8.96
CA VAL A 20 -3.26 -2.82 -10.01
C VAL A 20 -3.31 -1.56 -10.91
N THR A 21 -2.77 -0.45 -10.45
CA THR A 21 -2.79 0.79 -11.28
C THR A 21 -1.56 0.87 -12.19
N LEU A 22 -0.47 0.26 -11.79
CA LEU A 22 0.76 0.29 -12.65
C LEU A 22 0.71 -0.78 -13.74
N ARG A 23 -0.07 -1.82 -13.53
CA ARG A 23 -0.16 -2.91 -14.56
C ARG A 23 -0.65 -2.36 -15.91
N PRO A 24 -1.77 -1.67 -15.89
CA PRO A 24 -2.33 -1.08 -17.13
C PRO A 24 -1.74 0.32 -17.42
N GLU A 25 -0.58 0.62 -16.87
CA GLU A 25 0.06 1.96 -17.10
C GLU A 25 -0.86 3.10 -16.62
N ARG A 26 -0.43 4.33 -16.82
CA ARG A 26 -1.26 5.49 -16.38
C ARG A 26 -0.88 6.76 -17.16
N ARG A 1 -2.57 5.80 19.56
CA ARG A 1 -2.29 4.53 18.81
C ARG A 1 -0.79 4.42 18.50
N SER A 2 -0.34 3.26 18.09
CA SER A 2 1.10 3.07 17.77
C SER A 2 1.41 3.58 16.36
N ALA A 3 2.55 4.21 16.19
CA ALA A 3 2.92 4.75 14.84
C ALA A 3 3.30 3.60 13.88
N LEU A 4 3.69 2.47 14.39
CA LEU A 4 4.07 1.32 13.51
C LEU A 4 2.83 0.50 13.09
N VAL A 5 1.65 0.96 13.42
CA VAL A 5 0.42 0.20 13.03
C VAL A 5 -0.24 0.86 11.82
N ASN A 6 -0.46 2.15 11.87
CA ASN A 6 -1.10 2.87 10.73
C ASN A 6 -0.11 3.03 9.57
N SER A 7 1.13 3.34 9.85
CA SER A 7 2.14 3.50 8.74
C SER A 7 2.16 2.23 7.89
N TYR A 8 2.32 1.09 8.50
CA TYR A 8 2.33 -0.20 7.73
C TYR A 8 0.96 -0.39 7.05
N LEU A 9 -0.11 -0.11 7.77
CA LEU A 9 -1.47 -0.27 7.18
C LEU A 9 -1.60 0.62 5.93
N TRP A 10 -1.15 1.84 6.01
CA TRP A 10 -1.23 2.77 4.85
C TRP A 10 -0.34 2.25 3.72
N GLN A 11 0.85 1.78 4.03
CA GLN A 11 1.76 1.24 2.97
C GLN A 11 1.11 0.03 2.27
N ARG A 12 0.44 -0.81 3.01
CA ARG A 12 -0.22 -2.00 2.39
C ARG A 12 -1.34 -1.55 1.43
N TRP A 13 -2.05 -0.51 1.78
CA TRP A 13 -3.15 -0.02 0.88
C TRP A 13 -2.53 0.52 -0.43
N GLU A 14 -1.50 1.31 -0.34
CA GLU A 14 -0.85 1.85 -1.58
C GLU A 14 -0.16 0.72 -2.34
N ASN A 15 0.39 -0.24 -1.64
CA ASN A 15 1.07 -1.39 -2.32
C ASN A 15 0.07 -2.06 -3.28
N TRP A 16 -1.08 -2.43 -2.78
CA TRP A 16 -2.11 -3.08 -3.65
C TRP A 16 -2.60 -2.06 -4.69
N PHE A 17 -2.83 -0.83 -4.28
CA PHE A 17 -3.30 0.22 -5.23
C PHE A 17 -2.34 0.31 -6.42
N TRP A 18 -1.08 0.57 -6.16
CA TRP A 18 -0.09 0.66 -7.27
C TRP A 18 0.05 -0.70 -7.98
N ASN A 19 -0.08 -1.78 -7.23
CA ASN A 19 0.04 -3.13 -7.85
C ASN A 19 -0.97 -3.28 -9.02
N VAL A 20 -2.13 -2.70 -8.91
CA VAL A 20 -3.15 -2.80 -10.01
C VAL A 20 -3.23 -1.50 -10.82
N THR A 21 -2.59 -0.44 -10.35
CA THR A 21 -2.63 0.86 -11.09
C THR A 21 -1.43 0.98 -12.04
N LEU A 22 -0.30 0.43 -11.65
CA LEU A 22 0.91 0.51 -12.53
C LEU A 22 0.88 -0.59 -13.62
N ARG A 23 0.09 -1.63 -13.41
CA ARG A 23 0.01 -2.73 -14.42
C ARG A 23 -0.56 -2.21 -15.75
N PRO A 24 -1.70 -1.56 -15.70
CA PRO A 24 -2.34 -1.03 -16.94
C PRO A 24 -1.66 0.28 -17.37
N GLU A 25 -0.34 0.29 -17.47
CA GLU A 25 0.39 1.52 -17.89
C GLU A 25 1.83 1.18 -18.25
N ARG A 26 2.49 2.04 -18.99
CA ARG A 26 3.91 1.77 -19.39
C ARG A 26 4.68 3.09 -19.51
N ARG A 1 1.72 12.12 12.64
CA ARG A 1 1.41 10.79 12.03
C ARG A 1 2.37 9.72 12.58
N SER A 2 1.84 8.61 13.02
CA SER A 2 2.73 7.53 13.56
C SER A 2 3.44 6.80 12.41
N ALA A 3 4.63 6.32 12.65
CA ALA A 3 5.39 5.60 11.57
C ALA A 3 5.48 4.10 11.86
N LEU A 4 5.01 3.65 13.00
CA LEU A 4 5.08 2.18 13.32
C LEU A 4 3.68 1.57 13.49
N VAL A 5 2.64 2.38 13.44
CA VAL A 5 1.26 1.84 13.59
C VAL A 5 0.45 2.02 12.29
N ASN A 6 0.40 3.23 11.79
CA ASN A 6 -0.37 3.49 10.53
C ASN A 6 0.51 3.22 9.29
N SER A 7 1.80 3.09 9.45
CA SER A 7 2.67 2.83 8.26
C SER A 7 2.32 1.46 7.65
N TYR A 8 2.40 0.40 8.42
CA TYR A 8 2.06 -0.95 7.89
C TYR A 8 0.55 -1.08 7.61
N LEU A 9 -0.25 -0.19 8.13
CA LEU A 9 -1.72 -0.26 7.90
C LEU A 9 -2.15 0.61 6.72
N TRP A 10 -1.44 1.68 6.44
CA TRP A 10 -1.82 2.58 5.30
C TRP A 10 -0.96 2.29 4.06
N GLN A 11 0.34 2.21 4.22
CA GLN A 11 1.23 1.94 3.04
C GLN A 11 0.81 0.65 2.32
N ARG A 12 0.29 -0.32 3.04
CA ARG A 12 -0.15 -1.59 2.39
C ARG A 12 -1.28 -1.31 1.38
N TRP A 13 -2.17 -0.39 1.71
CA TRP A 13 -3.29 -0.05 0.77
C TRP A 13 -2.70 0.45 -0.56
N GLU A 14 -1.73 1.32 -0.51
CA GLU A 14 -1.12 1.85 -1.77
C GLU A 14 -0.34 0.73 -2.47
N ASN A 15 0.31 -0.13 -1.71
CA ASN A 15 1.07 -1.26 -2.33
C ASN A 15 0.15 -2.03 -3.28
N TRP A 16 -1.02 -2.40 -2.83
CA TRP A 16 -1.97 -3.13 -3.72
C TRP A 16 -2.49 -2.18 -4.81
N PHE A 17 -2.82 -0.96 -4.44
CA PHE A 17 -3.34 0.03 -5.43
C PHE A 17 -2.32 0.21 -6.56
N TRP A 18 -1.09 0.52 -6.22
CA TRP A 18 -0.05 0.71 -7.28
C TRP A 18 0.19 -0.61 -8.02
N ASN A 19 0.14 -1.72 -7.34
CA ASN A 19 0.36 -3.05 -8.01
C ASN A 19 -0.65 -3.28 -9.14
N VAL A 20 -1.86 -2.79 -9.00
CA VAL A 20 -2.88 -3.01 -10.08
C VAL A 20 -3.09 -1.72 -10.90
N THR A 21 -2.86 -0.57 -10.31
CA THR A 21 -3.04 0.72 -11.07
C THR A 21 -1.87 0.97 -12.02
N LEU A 22 -0.66 0.71 -11.57
CA LEU A 22 0.53 0.95 -12.45
C LEU A 22 0.54 -0.05 -13.62
N ARG A 23 0.09 -1.26 -13.38
CA ARG A 23 0.06 -2.29 -14.46
C ARG A 23 -1.31 -2.97 -14.51
N PRO A 24 -2.22 -2.39 -15.26
CA PRO A 24 -3.59 -2.96 -15.38
C PRO A 24 -3.57 -4.24 -16.22
N GLU A 25 -4.50 -5.13 -15.96
CA GLU A 25 -4.56 -6.41 -16.73
C GLU A 25 -6.02 -6.85 -16.94
N ARG A 26 -6.28 -7.62 -17.96
CA ARG A 26 -7.68 -8.09 -18.22
C ARG A 26 -7.68 -9.33 -19.10
N ARG A 1 -1.67 3.39 20.65
CA ARG A 1 -0.20 3.49 20.94
C ARG A 1 0.56 2.45 20.12
N SER A 2 0.85 2.73 18.87
CA SER A 2 1.59 1.77 18.02
C SER A 2 2.44 2.51 16.97
N ALA A 3 3.57 1.95 16.60
CA ALA A 3 4.45 2.62 15.59
C ALA A 3 4.48 1.83 14.27
N LEU A 4 4.37 0.53 14.32
CA LEU A 4 4.41 -0.27 13.06
C LEU A 4 3.02 -0.79 12.68
N VAL A 5 1.97 -0.26 13.27
CA VAL A 5 0.58 -0.73 12.92
C VAL A 5 -0.05 0.24 11.91
N ASN A 6 0.27 1.50 12.00
CA ASN A 6 -0.30 2.49 11.03
C ASN A 6 0.57 2.59 9.78
N SER A 7 1.84 2.28 9.89
CA SER A 7 2.76 2.34 8.70
C SER A 7 2.30 1.36 7.61
N TYR A 8 2.16 0.09 7.93
CA TYR A 8 1.72 -0.90 6.91
C TYR A 8 0.26 -0.62 6.50
N LEU A 9 -0.52 -0.04 7.38
CA LEU A 9 -1.95 0.28 7.03
C LEU A 9 -1.99 1.22 5.82
N TRP A 10 -1.14 2.21 5.79
CA TRP A 10 -1.13 3.15 4.63
C TRP A 10 -0.41 2.51 3.44
N GLN A 11 0.64 1.75 3.70
CA GLN A 11 1.37 1.08 2.59
C GLN A 11 0.47 0.02 1.94
N ARG A 12 -0.16 -0.81 2.74
CA ARG A 12 -1.07 -1.86 2.18
C ARG A 12 -2.20 -1.19 1.35
N TRP A 13 -2.43 0.09 1.54
CA TRP A 13 -3.49 0.79 0.78
C TRP A 13 -2.95 1.21 -0.60
N GLU A 14 -1.90 1.99 -0.61
CA GLU A 14 -1.33 2.48 -1.91
C GLU A 14 -0.39 1.43 -2.53
N ASN A 15 0.51 0.86 -1.77
CA ASN A 15 1.43 -0.17 -2.34
C ASN A 15 0.64 -1.27 -3.04
N TRP A 16 -0.47 -1.69 -2.48
CA TRP A 16 -1.28 -2.75 -3.14
C TRP A 16 -2.05 -2.15 -4.32
N PHE A 17 -2.71 -1.03 -4.11
CA PHE A 17 -3.48 -0.39 -5.22
C PHE A 17 -2.57 -0.10 -6.41
N TRP A 18 -1.44 0.53 -6.17
CA TRP A 18 -0.50 0.83 -7.31
C TRP A 18 0.04 -0.48 -7.90
N ASN A 19 0.28 -1.47 -7.08
CA ASN A 19 0.80 -2.77 -7.61
C ASN A 19 -0.29 -3.51 -8.40
N VAL A 20 -1.53 -3.44 -7.97
CA VAL A 20 -2.63 -4.14 -8.69
C VAL A 20 -3.25 -3.24 -9.76
N THR A 21 -3.09 -1.93 -9.67
CA THR A 21 -3.68 -1.01 -10.69
C THR A 21 -2.57 -0.44 -11.57
N LEU A 22 -1.62 0.25 -10.99
CA LEU A 22 -0.50 0.84 -11.80
C LEU A 22 0.39 -0.27 -12.36
N ARG A 23 0.51 -1.37 -11.66
CA ARG A 23 1.34 -2.52 -12.14
C ARG A 23 2.77 -2.05 -12.47
N PRO A 24 3.46 -1.58 -11.46
CA PRO A 24 4.86 -1.10 -11.65
C PRO A 24 5.82 -2.29 -11.84
N GLU A 25 7.05 -2.01 -12.20
CA GLU A 25 8.06 -3.11 -12.41
C GLU A 25 7.56 -4.11 -13.46
N ARG A 26 8.09 -5.32 -13.45
CA ARG A 26 7.65 -6.34 -14.45
C ARG A 26 6.61 -7.28 -13.83
N ARG A 1 -2.64 4.32 20.15
CA ARG A 1 -1.93 5.11 19.09
C ARG A 1 -0.53 4.53 18.86
N SER A 2 -0.18 4.26 17.63
CA SER A 2 1.18 3.69 17.33
C SER A 2 1.73 4.28 16.03
N ALA A 3 3.02 4.23 15.85
CA ALA A 3 3.64 4.79 14.60
C ALA A 3 3.90 3.66 13.60
N LEU A 4 4.27 2.49 14.07
CA LEU A 4 4.54 1.35 13.14
C LEU A 4 3.26 0.54 12.86
N VAL A 5 2.10 1.07 13.18
CA VAL A 5 0.83 0.33 12.92
C VAL A 5 0.09 0.99 11.76
N ASN A 6 -0.16 2.28 11.84
CA ASN A 6 -0.87 2.98 10.74
C ASN A 6 0.02 3.05 9.49
N SER A 7 1.28 3.37 9.65
CA SER A 7 2.19 3.43 8.47
C SER A 7 2.21 2.07 7.76
N TYR A 8 2.35 1.01 8.51
CA TYR A 8 2.34 -0.37 7.92
C TYR A 8 1.01 -0.60 7.20
N LEU A 9 -0.09 -0.23 7.81
CA LEU A 9 -1.42 -0.42 7.18
C LEU A 9 -1.57 0.52 5.97
N TRP A 10 -1.14 1.75 6.11
CA TRP A 10 -1.23 2.72 4.98
C TRP A 10 -0.37 2.21 3.80
N GLN A 11 0.83 1.77 4.09
CA GLN A 11 1.72 1.26 2.99
C GLN A 11 1.03 0.10 2.24
N ARG A 12 0.35 -0.76 2.96
CA ARG A 12 -0.35 -1.91 2.30
C ARG A 12 -1.47 -1.40 1.38
N TRP A 13 -2.23 -0.43 1.82
CA TRP A 13 -3.33 0.12 0.97
C TRP A 13 -2.75 0.66 -0.36
N GLU A 14 -1.66 1.39 -0.30
CA GLU A 14 -1.05 1.94 -1.56
C GLU A 14 -0.34 0.81 -2.32
N ASN A 15 0.27 -0.11 -1.62
CA ASN A 15 0.97 -1.24 -2.31
C ASN A 15 0.01 -1.96 -3.24
N TRP A 16 -1.18 -2.29 -2.76
CA TRP A 16 -2.18 -2.98 -3.63
C TRP A 16 -2.63 -2.01 -4.75
N PHE A 17 -2.95 -0.78 -4.38
CA PHE A 17 -3.39 0.21 -5.41
C PHE A 17 -2.34 0.32 -6.52
N TRP A 18 -1.10 0.55 -6.16
CA TRP A 18 -0.02 0.66 -7.19
C TRP A 18 0.18 -0.71 -7.87
N ASN A 19 -0.03 -1.78 -7.16
CA ASN A 19 0.14 -3.13 -7.78
C ASN A 19 -0.76 -3.29 -9.01
N VAL A 20 -2.02 -2.90 -8.89
CA VAL A 20 -2.94 -3.01 -10.07
C VAL A 20 -2.81 -1.78 -10.98
N THR A 21 -2.40 -0.65 -10.44
CA THR A 21 -2.24 0.59 -11.28
C THR A 21 -1.00 0.47 -12.16
N LEU A 22 0.06 -0.10 -11.65
CA LEU A 22 1.31 -0.24 -12.44
C LEU A 22 1.24 -1.49 -13.33
N ARG A 23 0.65 -2.55 -12.83
CA ARG A 23 0.54 -3.81 -13.63
C ARG A 23 -0.83 -4.49 -13.40
N PRO A 24 -1.82 -4.00 -14.12
CA PRO A 24 -3.19 -4.56 -14.00
C PRO A 24 -3.25 -5.98 -14.58
N GLU A 25 -4.15 -6.79 -14.09
CA GLU A 25 -4.28 -8.19 -14.62
C GLU A 25 -5.35 -8.26 -15.72
N ARG A 26 -6.55 -7.80 -15.44
CA ARG A 26 -7.63 -7.84 -16.45
C ARG A 26 -8.43 -6.53 -16.43
N ARG A 1 -4.92 8.13 13.88
CA ARG A 1 -3.58 7.94 13.22
C ARG A 1 -2.58 7.36 14.23
N SER A 2 -1.51 6.76 13.74
CA SER A 2 -0.48 6.16 14.65
C SER A 2 0.92 6.32 14.04
N ALA A 3 1.90 5.65 14.60
CA ALA A 3 3.28 5.76 14.06
C ALA A 3 3.72 4.45 13.39
N LEU A 4 3.62 3.35 14.10
CA LEU A 4 4.02 2.03 13.51
C LEU A 4 2.79 1.16 13.19
N VAL A 5 1.61 1.64 13.46
CA VAL A 5 0.37 0.84 13.18
C VAL A 5 -0.27 1.35 11.88
N ASN A 6 -0.55 2.62 11.80
CA ASN A 6 -1.19 3.18 10.56
C ASN A 6 -0.21 3.13 9.39
N SER A 7 1.05 3.45 9.62
CA SER A 7 2.04 3.41 8.50
C SER A 7 2.04 2.03 7.85
N TYR A 8 2.11 0.99 8.66
CA TYR A 8 2.08 -0.40 8.09
C TYR A 8 0.76 -0.62 7.34
N LEU A 9 -0.33 -0.19 7.91
CA LEU A 9 -1.66 -0.36 7.23
C LEU A 9 -1.70 0.49 5.94
N TRP A 10 -1.22 1.70 6.02
CA TRP A 10 -1.21 2.60 4.83
C TRP A 10 -0.26 2.03 3.75
N GLN A 11 0.90 1.55 4.15
CA GLN A 11 1.86 0.98 3.15
C GLN A 11 1.19 -0.11 2.31
N ARG A 12 0.47 -1.00 2.96
CA ARG A 12 -0.24 -2.10 2.22
C ARG A 12 -1.31 -1.54 1.29
N TRP A 13 -1.96 -0.46 1.68
CA TRP A 13 -3.02 0.13 0.82
C TRP A 13 -2.42 0.68 -0.49
N GLU A 14 -1.31 1.39 -0.40
CA GLU A 14 -0.68 1.96 -1.64
C GLU A 14 0.04 0.87 -2.44
N ASN A 15 0.88 0.09 -1.79
CA ASN A 15 1.62 -0.99 -2.51
C ASN A 15 0.63 -1.87 -3.30
N TRP A 16 -0.52 -2.16 -2.73
CA TRP A 16 -1.53 -2.99 -3.45
C TRP A 16 -2.24 -2.13 -4.50
N PHE A 17 -2.65 -0.93 -4.13
CA PHE A 17 -3.36 -0.04 -5.09
C PHE A 17 -2.50 0.17 -6.34
N TRP A 18 -1.27 0.59 -6.19
CA TRP A 18 -0.38 0.80 -7.37
C TRP A 18 -0.21 -0.53 -8.13
N ASN A 19 -0.21 -1.64 -7.43
CA ASN A 19 -0.05 -2.97 -8.10
C ASN A 19 -1.17 -3.21 -9.11
N VAL A 20 -2.38 -2.80 -8.80
CA VAL A 20 -3.53 -3.02 -9.76
C VAL A 20 -3.90 -1.72 -10.49
N THR A 21 -3.64 -0.57 -9.90
CA THR A 21 -3.99 0.72 -10.57
C THR A 21 -2.92 1.11 -11.59
N LEU A 22 -1.67 1.08 -11.20
CA LEU A 22 -0.58 1.46 -12.16
C LEU A 22 -0.28 0.30 -13.11
N ARG A 23 0.40 -0.71 -12.63
CA ARG A 23 0.74 -1.90 -13.49
C ARG A 23 1.39 -1.43 -14.81
N PRO A 24 2.63 -1.02 -14.71
CA PRO A 24 3.38 -0.54 -15.91
C PRO A 24 3.89 -1.73 -16.73
N GLU A 25 2.99 -2.46 -17.36
CA GLU A 25 3.40 -3.63 -18.19
C GLU A 25 4.32 -4.57 -17.40
N ARG A 26 3.85 -5.08 -16.28
CA ARG A 26 4.68 -6.01 -15.44
C ARG A 26 5.99 -5.31 -15.00
N ARG A 1 -5.02 2.66 20.02
CA ARG A 1 -4.39 3.57 19.01
C ARG A 1 -2.88 3.25 18.88
N SER A 2 -2.34 3.39 17.70
CA SER A 2 -0.88 3.11 17.50
C SER A 2 -0.31 4.01 16.39
N ALA A 3 0.97 4.27 16.43
CA ALA A 3 1.60 5.13 15.39
C ALA A 3 2.29 4.29 14.31
N LEU A 4 2.87 3.17 14.69
CA LEU A 4 3.56 2.29 13.69
C LEU A 4 2.56 1.40 12.94
N VAL A 5 1.40 1.17 13.52
CA VAL A 5 0.38 0.30 12.84
C VAL A 5 -0.20 1.03 11.62
N ASN A 6 -0.56 2.28 11.77
CA ASN A 6 -1.13 3.05 10.62
C ASN A 6 -0.10 3.15 9.49
N SER A 7 1.16 3.31 9.84
CA SER A 7 2.22 3.41 8.77
C SER A 7 2.29 2.11 7.98
N TYR A 8 2.30 0.97 8.65
CA TYR A 8 2.36 -0.34 7.93
C TYR A 8 1.04 -0.57 7.17
N LEU A 9 -0.08 -0.21 7.76
CA LEU A 9 -1.40 -0.39 7.07
C LEU A 9 -1.49 0.54 5.86
N TRP A 10 -1.09 1.77 6.02
CA TRP A 10 -1.14 2.74 4.88
C TRP A 10 -0.26 2.25 3.72
N GLN A 11 0.88 1.66 4.02
CA GLN A 11 1.77 1.16 2.95
C GLN A 11 1.06 0.05 2.16
N ARG A 12 0.50 -0.92 2.85
CA ARG A 12 -0.23 -2.02 2.15
C ARG A 12 -1.41 -1.45 1.34
N TRP A 13 -2.04 -0.41 1.87
CA TRP A 13 -3.18 0.23 1.14
C TRP A 13 -2.73 0.66 -0.26
N GLU A 14 -1.63 1.36 -0.32
CA GLU A 14 -1.10 1.84 -1.64
C GLU A 14 -0.37 0.70 -2.36
N ASN A 15 0.23 -0.20 -1.62
CA ASN A 15 0.95 -1.36 -2.25
C ASN A 15 0.04 -2.04 -3.28
N TRP A 16 -1.19 -2.34 -2.91
CA TRP A 16 -2.13 -2.98 -3.87
C TRP A 16 -2.57 -1.94 -4.91
N PHE A 17 -2.91 -0.74 -4.46
CA PHE A 17 -3.36 0.32 -5.41
C PHE A 17 -2.31 0.51 -6.51
N TRP A 18 -1.07 0.64 -6.15
CA TRP A 18 0.00 0.82 -7.20
C TRP A 18 0.18 -0.49 -7.97
N ASN A 19 0.13 -1.61 -7.29
CA ASN A 19 0.30 -2.93 -8.00
C ASN A 19 -0.82 -3.13 -9.02
N VAL A 20 -2.06 -3.06 -8.59
CA VAL A 20 -3.21 -3.25 -9.53
C VAL A 20 -3.30 -2.12 -10.57
N THR A 21 -2.74 -0.96 -10.27
CA THR A 21 -2.81 0.17 -11.26
C THR A 21 -1.60 0.16 -12.20
N LEU A 22 -0.45 -0.21 -11.70
CA LEU A 22 0.77 -0.24 -12.57
C LEU A 22 0.92 -1.60 -13.26
N ARG A 23 0.64 -2.66 -12.55
CA ARG A 23 0.76 -4.03 -13.15
C ARG A 23 -0.22 -4.99 -12.45
N PRO A 24 -1.40 -5.11 -13.01
CA PRO A 24 -2.44 -6.01 -12.43
C PRO A 24 -2.12 -7.48 -12.73
N GLU A 25 -1.10 -8.01 -12.10
CA GLU A 25 -0.73 -9.44 -12.32
C GLU A 25 -1.33 -10.32 -11.21
N ARG A 26 -1.25 -9.86 -9.99
CA ARG A 26 -1.82 -10.66 -8.85
C ARG A 26 -2.14 -9.73 -7.67
N ARG A 1 -0.96 8.06 14.47
CA ARG A 1 -1.41 6.90 15.30
C ARG A 1 -0.31 5.83 15.34
N SER A 2 0.15 5.48 16.52
CA SER A 2 1.23 4.43 16.65
C SER A 2 2.46 4.84 15.82
N ALA A 3 3.20 3.87 15.32
CA ALA A 3 4.42 4.20 14.51
C ALA A 3 4.67 3.10 13.46
N LEU A 4 4.77 1.86 13.87
CA LEU A 4 5.01 0.75 12.90
C LEU A 4 3.72 0.01 12.55
N VAL A 5 2.59 0.45 13.04
CA VAL A 5 1.30 -0.23 12.72
C VAL A 5 0.56 0.53 11.61
N ASN A 6 0.29 1.80 11.83
CA ASN A 6 -0.42 2.61 10.79
C ASN A 6 0.45 2.75 9.52
N SER A 7 1.76 2.84 9.69
CA SER A 7 2.65 2.97 8.49
C SER A 7 2.40 1.79 7.54
N TYR A 8 2.36 0.58 8.07
CA TYR A 8 2.10 -0.61 7.22
C TYR A 8 0.63 -0.59 6.77
N LEU A 9 -0.27 -0.20 7.65
CA LEU A 9 -1.72 -0.15 7.28
C LEU A 9 -1.92 0.77 6.08
N TRP A 10 -1.30 1.93 6.10
CA TRP A 10 -1.44 2.87 4.95
C TRP A 10 -0.61 2.37 3.76
N GLN A 11 0.63 1.99 3.99
CA GLN A 11 1.48 1.50 2.87
C GLN A 11 0.82 0.30 2.17
N ARG A 12 0.21 -0.58 2.94
CA ARG A 12 -0.46 -1.77 2.33
C ARG A 12 -1.60 -1.33 1.40
N TRP A 13 -2.32 -0.29 1.77
CA TRP A 13 -3.43 0.19 0.89
C TRP A 13 -2.85 0.73 -0.42
N GLU A 14 -1.83 1.55 -0.34
CA GLU A 14 -1.20 2.09 -1.58
C GLU A 14 -0.46 0.98 -2.32
N ASN A 15 0.07 0.01 -1.60
CA ASN A 15 0.78 -1.12 -2.27
C ASN A 15 -0.17 -1.77 -3.28
N TRP A 16 -1.38 -2.08 -2.87
CA TRP A 16 -2.36 -2.68 -3.82
C TRP A 16 -2.80 -1.62 -4.84
N PHE A 17 -3.03 -0.41 -4.39
CA PHE A 17 -3.46 0.69 -5.32
C PHE A 17 -2.45 0.84 -6.48
N TRP A 18 -1.20 0.56 -6.23
CA TRP A 18 -0.18 0.71 -7.32
C TRP A 18 0.21 -0.67 -7.88
N ASN A 19 0.41 -1.65 -7.04
CA ASN A 19 0.81 -3.01 -7.55
C ASN A 19 -0.24 -3.55 -8.54
N VAL A 20 -1.50 -3.31 -8.29
CA VAL A 20 -2.56 -3.82 -9.23
C VAL A 20 -2.44 -3.13 -10.60
N THR A 21 -2.02 -1.88 -10.61
CA THR A 21 -1.87 -1.14 -11.91
C THR A 21 -0.44 -1.25 -12.45
N LEU A 22 0.51 -1.52 -11.60
CA LEU A 22 1.93 -1.63 -12.07
C LEU A 22 2.32 -3.10 -12.35
N ARG A 23 1.43 -4.03 -12.10
CA ARG A 23 1.74 -5.47 -12.34
C ARG A 23 2.27 -5.70 -13.78
N PRO A 24 1.55 -5.20 -14.77
CA PRO A 24 1.99 -5.37 -16.18
C PRO A 24 3.16 -4.42 -16.48
N GLU A 25 4.36 -4.81 -16.13
CA GLU A 25 5.56 -3.95 -16.40
C GLU A 25 6.79 -4.82 -16.69
N ARG A 26 6.85 -5.40 -17.87
CA ARG A 26 8.02 -6.28 -18.23
C ARG A 26 8.20 -7.41 -17.21
N ARG A 1 -3.96 3.56 18.33
CA ARG A 1 -2.90 4.23 19.13
C ARG A 1 -1.55 3.49 18.95
N SER A 2 -1.06 3.43 17.73
CA SER A 2 0.24 2.74 17.47
C SER A 2 1.02 3.44 16.36
N ALA A 3 2.30 3.23 16.30
CA ALA A 3 3.13 3.87 15.23
C ALA A 3 3.40 2.88 14.10
N LEU A 4 3.55 1.62 14.41
CA LEU A 4 3.82 0.60 13.34
C LEU A 4 2.50 0.04 12.77
N VAL A 5 1.38 0.61 13.11
CA VAL A 5 0.08 0.10 12.57
C VAL A 5 -0.38 0.97 11.39
N ASN A 6 -0.31 2.27 11.52
CA ASN A 6 -0.73 3.17 10.39
C ASN A 6 0.17 2.97 9.17
N SER A 7 1.47 2.83 9.37
CA SER A 7 2.39 2.61 8.20
C SER A 7 1.96 1.36 7.43
N TYR A 8 1.63 0.30 8.13
CA TYR A 8 1.18 -0.94 7.45
C TYR A 8 -0.22 -0.72 6.85
N LEU A 9 -1.08 -0.04 7.56
CA LEU A 9 -2.46 0.21 7.06
C LEU A 9 -2.44 1.21 5.89
N TRP A 10 -1.42 2.02 5.79
CA TRP A 10 -1.35 3.03 4.69
C TRP A 10 -0.36 2.59 3.61
N GLN A 11 0.87 2.28 3.97
CA GLN A 11 1.88 1.84 2.96
C GLN A 11 1.45 0.54 2.27
N ARG A 12 1.07 -0.46 3.03
CA ARG A 12 0.62 -1.75 2.40
C ARG A 12 -0.60 -1.52 1.51
N TRP A 13 -1.51 -0.67 1.93
CA TRP A 13 -2.72 -0.39 1.11
C TRP A 13 -2.30 0.26 -0.23
N GLU A 14 -1.40 1.20 -0.19
CA GLU A 14 -0.94 1.85 -1.45
C GLU A 14 -0.12 0.86 -2.29
N ASN A 15 0.79 0.13 -1.67
CA ASN A 15 1.60 -0.87 -2.43
C ASN A 15 0.66 -1.80 -3.21
N TRP A 16 -0.41 -2.23 -2.61
CA TRP A 16 -1.38 -3.11 -3.32
C TRP A 16 -2.14 -2.26 -4.35
N PHE A 17 -2.58 -1.09 -3.95
CA PHE A 17 -3.32 -0.20 -4.88
C PHE A 17 -2.49 0.06 -6.14
N TRP A 18 -1.27 0.51 -5.97
CA TRP A 18 -0.38 0.77 -7.14
C TRP A 18 -0.19 -0.53 -7.94
N ASN A 19 -0.18 -1.65 -7.27
CA ASN A 19 0.00 -2.97 -7.97
C ASN A 19 -1.14 -3.20 -8.97
N VAL A 20 -2.34 -2.78 -8.65
CA VAL A 20 -3.49 -2.98 -9.59
C VAL A 20 -3.98 -1.65 -10.19
N THR A 21 -3.27 -0.56 -9.96
CA THR A 21 -3.71 0.76 -10.52
C THR A 21 -2.64 1.32 -11.48
N LEU A 22 -1.39 1.05 -11.23
CA LEU A 22 -0.30 1.60 -12.12
C LEU A 22 -0.47 1.07 -13.55
N ARG A 23 -0.86 -0.16 -13.71
CA ARG A 23 -1.03 -0.74 -15.08
C ARG A 23 -2.26 -0.13 -15.79
N PRO A 24 -3.42 -0.28 -15.18
CA PRO A 24 -4.66 0.27 -15.79
C PRO A 24 -4.70 1.80 -15.65
N GLU A 25 -4.38 2.52 -16.70
CA GLU A 25 -4.40 4.02 -16.62
C GLU A 25 -5.09 4.58 -17.87
N ARG A 26 -6.26 5.17 -17.71
CA ARG A 26 -6.99 5.74 -18.88
C ARG A 26 -7.75 7.02 -18.49
N ARG A 1 -4.66 5.85 18.63
CA ARG A 1 -3.72 5.86 17.47
C ARG A 1 -2.49 4.99 17.78
N SER A 2 -2.04 4.22 16.83
CA SER A 2 -0.84 3.36 17.06
C SER A 2 0.26 3.68 16.05
N ALA A 3 1.46 3.24 16.30
CA ALA A 3 2.59 3.52 15.36
C ALA A 3 2.78 2.33 14.39
N LEU A 4 2.68 1.12 14.90
CA LEU A 4 2.86 -0.08 14.01
C LEU A 4 1.53 -0.47 13.35
N VAL A 5 0.54 0.39 13.37
CA VAL A 5 -0.77 0.05 12.73
C VAL A 5 -0.90 0.81 11.40
N ASN A 6 -0.74 2.11 11.42
CA ASN A 6 -0.86 2.90 10.17
C ASN A 6 0.37 2.69 9.27
N SER A 7 1.54 2.58 9.84
CA SER A 7 2.77 2.37 9.00
C SER A 7 2.57 1.17 8.06
N TYR A 8 2.01 0.10 8.56
CA TYR A 8 1.76 -1.10 7.70
C TYR A 8 0.49 -0.89 6.86
N LEU A 9 -0.52 -0.29 7.43
CA LEU A 9 -1.80 -0.07 6.67
C LEU A 9 -1.60 0.97 5.56
N TRP A 10 -0.79 1.97 5.78
CA TRP A 10 -0.57 3.02 4.73
C TRP A 10 -0.02 2.38 3.45
N GLN A 11 1.06 1.64 3.54
CA GLN A 11 1.64 0.99 2.33
C GLN A 11 0.69 -0.09 1.79
N ARG A 12 0.04 -0.82 2.67
CA ARG A 12 -0.91 -1.89 2.22
C ARG A 12 -2.12 -1.28 1.50
N TRP A 13 -2.26 0.03 1.53
CA TRP A 13 -3.42 0.67 0.83
C TRP A 13 -2.96 1.27 -0.50
N GLU A 14 -1.86 1.99 -0.47
CA GLU A 14 -1.35 2.64 -1.71
C GLU A 14 -0.42 1.69 -2.48
N ASN A 15 0.49 1.05 -1.80
CA ASN A 15 1.42 0.11 -2.51
C ASN A 15 0.63 -1.04 -3.14
N TRP A 16 -0.37 -1.54 -2.44
CA TRP A 16 -1.19 -2.66 -3.01
C TRP A 16 -2.08 -2.12 -4.14
N PHE A 17 -2.76 -1.02 -3.90
CA PHE A 17 -3.65 -0.44 -4.95
C PHE A 17 -2.85 -0.16 -6.23
N TRP A 18 -1.74 0.55 -6.10
CA TRP A 18 -0.93 0.86 -7.31
C TRP A 18 -0.32 -0.42 -7.89
N ASN A 19 0.01 -1.38 -7.06
CA ASN A 19 0.61 -2.66 -7.59
C ASN A 19 -0.37 -3.36 -8.55
N VAL A 20 -1.56 -3.66 -8.10
CA VAL A 20 -2.56 -4.34 -8.99
C VAL A 20 -3.01 -3.42 -10.14
N THR A 21 -2.90 -2.13 -9.98
CA THR A 21 -3.32 -1.19 -11.07
C THR A 21 -2.17 -0.94 -12.06
N LEU A 22 -0.95 -0.98 -11.58
CA LEU A 22 0.22 -0.73 -12.49
C LEU A 22 0.57 -2.01 -13.25
N ARG A 23 1.08 -3.00 -12.57
CA ARG A 23 1.45 -4.28 -13.24
C ARG A 23 1.75 -5.37 -12.19
N PRO A 24 0.70 -6.00 -11.71
CA PRO A 24 0.85 -7.07 -10.69
C PRO A 24 1.39 -8.36 -11.33
N GLU A 25 1.59 -9.39 -10.53
CA GLU A 25 2.10 -10.69 -11.08
C GLU A 25 1.07 -11.31 -12.02
N ARG A 26 -0.20 -11.19 -11.69
CA ARG A 26 -1.30 -11.78 -12.53
C ARG A 26 -1.23 -13.31 -12.55
N ARG A 1 -5.01 1.91 19.01
CA ARG A 1 -4.58 3.19 19.63
C ARG A 1 -3.06 3.42 19.45
N SER A 2 -2.52 3.05 18.31
CA SER A 2 -1.06 3.25 18.07
C SER A 2 -0.82 3.96 16.74
N ALA A 3 0.37 4.46 16.52
CA ALA A 3 0.66 5.18 15.24
C ALA A 3 1.36 4.24 14.26
N LEU A 4 2.34 3.48 14.71
CA LEU A 4 3.07 2.53 13.81
C LEU A 4 2.10 1.54 13.14
N VAL A 5 0.97 1.28 13.76
CA VAL A 5 -0.02 0.33 13.16
C VAL A 5 -0.58 0.93 11.86
N ASN A 6 -1.03 2.16 11.91
CA ASN A 6 -1.58 2.81 10.69
C ASN A 6 -0.46 3.02 9.65
N SER A 7 0.74 3.32 10.09
CA SER A 7 1.87 3.52 9.13
C SER A 7 2.00 2.28 8.23
N TYR A 8 2.14 1.12 8.84
CA TYR A 8 2.25 -0.14 8.03
C TYR A 8 0.97 -0.34 7.20
N LEU A 9 -0.17 -0.13 7.81
CA LEU A 9 -1.47 -0.30 7.09
C LEU A 9 -1.51 0.62 5.85
N TRP A 10 -1.02 1.83 5.99
CA TRP A 10 -1.02 2.77 4.82
C TRP A 10 -0.02 2.29 3.77
N GLN A 11 1.11 1.78 4.19
CA GLN A 11 2.14 1.29 3.20
C GLN A 11 1.59 0.09 2.41
N ARG A 12 0.83 -0.76 3.04
CA ARG A 12 0.27 -1.95 2.31
C ARG A 12 -0.87 -1.53 1.38
N TRP A 13 -1.72 -0.63 1.82
CA TRP A 13 -2.86 -0.18 0.95
C TRP A 13 -2.32 0.43 -0.35
N GLU A 14 -1.33 1.28 -0.26
CA GLU A 14 -0.77 1.90 -1.50
C GLU A 14 -0.11 0.84 -2.38
N ASN A 15 0.63 -0.07 -1.79
CA ASN A 15 1.29 -1.15 -2.59
C ASN A 15 0.23 -1.94 -3.39
N TRP A 16 -0.93 -2.14 -2.82
CA TRP A 16 -2.01 -2.88 -3.55
C TRP A 16 -2.55 -2.01 -4.69
N PHE A 17 -2.84 -0.76 -4.39
CA PHE A 17 -3.36 0.17 -5.45
C PHE A 17 -2.40 0.22 -6.64
N TRP A 18 -1.15 0.50 -6.39
CA TRP A 18 -0.15 0.56 -7.50
C TRP A 18 -0.07 -0.80 -8.22
N ASN A 19 -0.28 -1.88 -7.53
CA ASN A 19 -0.22 -3.23 -8.18
C ASN A 19 -1.36 -3.41 -9.20
N VAL A 20 -2.50 -2.81 -8.97
CA VAL A 20 -3.64 -2.96 -9.93
C VAL A 20 -3.86 -1.69 -10.75
N THR A 21 -3.46 -0.55 -10.25
CA THR A 21 -3.68 0.73 -11.01
C THR A 21 -2.57 0.94 -12.06
N LEU A 22 -1.35 0.55 -11.75
CA LEU A 22 -0.23 0.74 -12.73
C LEU A 22 -0.28 -0.32 -13.85
N ARG A 23 -0.99 -1.39 -13.66
CA ARG A 23 -1.07 -2.48 -14.70
C ARG A 23 0.33 -3.00 -15.04
N PRO A 24 0.97 -3.61 -14.06
CA PRO A 24 2.34 -4.16 -14.26
C PRO A 24 2.27 -5.45 -15.10
N GLU A 25 1.86 -5.34 -16.35
CA GLU A 25 1.77 -6.55 -17.23
C GLU A 25 1.80 -6.14 -18.70
N ARG A 26 0.84 -5.35 -19.12
CA ARG A 26 0.79 -4.91 -20.55
C ARG A 26 0.16 -3.52 -20.65
N ARG A 1 3.10 6.36 21.49
CA ARG A 1 3.58 6.92 20.20
C ARG A 1 4.21 5.82 19.33
N SER A 2 3.80 5.70 18.10
CA SER A 2 4.37 4.65 17.20
C SER A 2 4.51 5.19 15.77
N ALA A 3 5.64 4.95 15.15
CA ALA A 3 5.84 5.43 13.75
C ALA A 3 5.93 4.25 12.76
N LEU A 4 5.63 3.05 13.20
CA LEU A 4 5.70 1.87 12.28
C LEU A 4 4.34 1.15 12.19
N VAL A 5 3.31 1.68 12.82
CA VAL A 5 1.98 1.01 12.76
C VAL A 5 1.17 1.55 11.56
N ASN A 6 1.00 2.84 11.48
CA ASN A 6 0.22 3.43 10.34
C ASN A 6 0.96 3.21 9.01
N SER A 7 2.27 3.33 8.99
CA SER A 7 3.03 3.12 7.73
C SER A 7 2.62 1.80 7.07
N TYR A 8 2.60 0.73 7.81
CA TYR A 8 2.20 -0.59 7.23
C TYR A 8 0.69 -0.61 6.98
N LEU A 9 -0.09 -0.18 7.94
CA LEU A 9 -1.58 -0.16 7.75
C LEU A 9 -1.96 0.68 6.51
N TRP A 10 -1.32 1.79 6.33
CA TRP A 10 -1.61 2.66 5.15
C TRP A 10 -1.00 2.04 3.89
N GLN A 11 0.15 1.40 4.03
CA GLN A 11 0.81 0.77 2.84
C GLN A 11 -0.06 -0.38 2.30
N ARG A 12 -0.67 -1.14 3.17
CA ARG A 12 -1.55 -2.27 2.70
C ARG A 12 -2.60 -1.75 1.71
N TRP A 13 -2.96 -0.48 1.82
CA TRP A 13 -3.98 0.09 0.89
C TRP A 13 -3.32 0.62 -0.39
N GLU A 14 -2.20 1.29 -0.26
CA GLU A 14 -1.52 1.86 -1.47
C GLU A 14 -0.63 0.81 -2.16
N ASN A 15 0.05 -0.02 -1.40
CA ASN A 15 0.92 -1.06 -2.02
C ASN A 15 0.13 -1.83 -3.09
N TRP A 16 -1.10 -2.19 -2.79
CA TRP A 16 -1.94 -2.91 -3.79
C TRP A 16 -2.38 -1.93 -4.88
N PHE A 17 -2.79 -0.74 -4.49
CA PHE A 17 -3.22 0.28 -5.50
C PHE A 17 -2.11 0.52 -6.51
N TRP A 18 -0.88 0.67 -6.04
CA TRP A 18 0.25 0.91 -6.98
C TRP A 18 0.58 -0.37 -7.77
N ASN A 19 0.75 -1.48 -7.10
CA ASN A 19 1.08 -2.75 -7.82
C ASN A 19 -0.03 -3.17 -8.78
N VAL A 20 -1.24 -2.70 -8.58
CA VAL A 20 -2.37 -3.10 -9.48
C VAL A 20 -2.69 -1.99 -10.49
N THR A 21 -2.51 -0.73 -10.13
CA THR A 21 -2.83 0.38 -11.09
C THR A 21 -1.62 0.72 -11.96
N LEU A 22 -0.43 0.62 -11.44
CA LEU A 22 0.80 0.95 -12.25
C LEU A 22 1.03 -0.13 -13.33
N ARG A 23 0.62 -1.35 -13.09
CA ARG A 23 0.83 -2.44 -14.09
C ARG A 23 0.20 -2.06 -15.44
N PRO A 24 -1.09 -1.82 -15.45
CA PRO A 24 -1.78 -1.44 -16.71
C PRO A 24 -1.47 0.03 -17.08
N GLU A 25 -0.21 0.37 -17.17
CA GLU A 25 0.19 1.78 -17.52
C GLU A 25 1.69 1.85 -17.78
N ARG A 26 2.48 1.28 -16.90
CA ARG A 26 3.97 1.29 -17.10
C ARG A 26 4.57 -0.08 -16.74
N ARG A 1 -5.30 6.32 17.70
CA ARG A 1 -5.56 4.96 17.11
C ARG A 1 -4.23 4.30 16.72
N SER A 2 -3.42 3.94 17.70
CA SER A 2 -2.11 3.27 17.41
C SER A 2 -1.20 4.18 16.56
N ALA A 3 -0.06 3.69 16.15
CA ALA A 3 0.88 4.51 15.33
C ALA A 3 1.65 3.63 14.33
N LEU A 4 2.17 2.51 14.79
CA LEU A 4 2.93 1.61 13.88
C LEU A 4 1.98 0.77 13.02
N VAL A 5 0.83 0.43 13.55
CA VAL A 5 -0.15 -0.40 12.78
C VAL A 5 -0.66 0.40 11.57
N ASN A 6 -1.13 1.61 11.78
CA ASN A 6 -1.65 2.44 10.65
C ASN A 6 -0.52 2.75 9.66
N SER A 7 0.67 3.02 10.15
CA SER A 7 1.80 3.32 9.22
C SER A 7 2.04 2.14 8.28
N TYR A 8 2.08 0.94 8.81
CA TYR A 8 2.28 -0.27 7.95
C TYR A 8 1.04 -0.47 7.06
N LEU A 9 -0.14 -0.28 7.61
CA LEU A 9 -1.38 -0.44 6.81
C LEU A 9 -1.42 0.59 5.68
N TRP A 10 -1.00 1.80 5.96
CA TRP A 10 -0.99 2.87 4.91
C TRP A 10 -0.07 2.47 3.75
N GLN A 11 1.10 1.98 4.06
CA GLN A 11 2.06 1.57 2.96
C GLN A 11 1.48 0.38 2.17
N ARG A 12 0.77 -0.51 2.82
CA ARG A 12 0.18 -1.68 2.11
C ARG A 12 -0.96 -1.22 1.17
N TRP A 13 -1.74 -0.26 1.59
CA TRP A 13 -2.85 0.24 0.72
C TRP A 13 -2.29 0.77 -0.60
N GLU A 14 -1.26 1.59 -0.53
CA GLU A 14 -0.66 2.12 -1.80
C GLU A 14 0.03 1.00 -2.56
N ASN A 15 0.69 0.10 -1.87
CA ASN A 15 1.36 -1.03 -2.56
C ASN A 15 0.31 -1.84 -3.34
N TRP A 16 -0.78 -2.19 -2.68
CA TRP A 16 -1.86 -2.94 -3.38
C TRP A 16 -2.50 -2.04 -4.44
N PHE A 17 -2.73 -0.80 -4.13
CA PHE A 17 -3.35 0.14 -5.11
C PHE A 17 -2.52 0.16 -6.40
N TRP A 18 -1.26 0.50 -6.30
CA TRP A 18 -0.39 0.52 -7.52
C TRP A 18 -0.28 -0.89 -8.11
N ASN A 19 -0.28 -1.91 -7.29
CA ASN A 19 -0.18 -3.31 -7.80
C ASN A 19 -1.29 -3.58 -8.85
N VAL A 20 -2.47 -3.03 -8.64
CA VAL A 20 -3.58 -3.25 -9.62
C VAL A 20 -3.80 -2.01 -10.49
N THR A 21 -3.41 -0.84 -10.02
CA THR A 21 -3.61 0.40 -10.83
C THR A 21 -2.55 0.52 -11.93
N LEU A 22 -1.38 -0.04 -11.73
CA LEU A 22 -0.31 0.04 -12.77
C LEU A 22 -0.61 -0.90 -13.95
N ARG A 23 -1.57 -1.79 -13.80
CA ARG A 23 -1.93 -2.74 -14.90
C ARG A 23 -0.72 -3.57 -15.33
N PRO A 24 -0.41 -4.57 -14.54
CA PRO A 24 0.74 -5.47 -14.84
C PRO A 24 0.38 -6.43 -15.98
N GLU A 25 0.12 -5.92 -17.16
CA GLU A 25 -0.23 -6.79 -18.31
C GLU A 25 0.43 -6.27 -19.60
N ARG A 26 0.89 -7.17 -20.45
CA ARG A 26 1.55 -6.74 -21.71
C ARG A 26 1.23 -7.73 -22.84
N ARG A 1 0.73 6.35 21.26
CA ARG A 1 0.59 6.76 19.83
C ARG A 1 1.30 5.75 18.92
N SER A 2 0.72 5.46 17.78
CA SER A 2 1.37 4.48 16.85
C SER A 2 2.25 5.22 15.85
N ALA A 3 3.46 4.75 15.65
CA ALA A 3 4.38 5.43 14.68
C ALA A 3 4.65 4.53 13.46
N LEU A 4 4.86 3.26 13.67
CA LEU A 4 5.12 2.33 12.52
C LEU A 4 3.90 1.45 12.23
N VAL A 5 3.03 1.26 13.20
CA VAL A 5 1.82 0.40 12.98
C VAL A 5 0.96 0.99 11.85
N ASN A 6 0.60 2.24 11.95
CA ASN A 6 -0.25 2.87 10.88
C ASN A 6 0.55 2.97 9.57
N SER A 7 1.84 3.18 9.64
CA SER A 7 2.67 3.28 8.40
C SER A 7 2.51 1.99 7.58
N TYR A 8 2.57 0.85 8.21
CA TYR A 8 2.39 -0.43 7.48
C TYR A 8 0.93 -0.55 7.03
N LEU A 9 0.00 -0.17 7.88
CA LEU A 9 -1.45 -0.24 7.53
C LEU A 9 -1.73 0.64 6.30
N TRP A 10 -1.29 1.88 6.35
CA TRP A 10 -1.52 2.80 5.18
C TRP A 10 -0.76 2.28 3.95
N GLN A 11 0.40 1.71 4.15
CA GLN A 11 1.18 1.17 2.99
C GLN A 11 0.37 0.07 2.28
N ARG A 12 -0.24 -0.82 3.03
CA ARG A 12 -1.06 -1.92 2.42
C ARG A 12 -2.10 -1.33 1.45
N TRP A 13 -2.66 -0.20 1.77
CA TRP A 13 -3.69 0.44 0.89
C TRP A 13 -3.08 0.75 -0.49
N GLU A 14 -2.05 1.57 -0.51
CA GLU A 14 -1.41 1.95 -1.79
C GLU A 14 -0.58 0.78 -2.35
N ASN A 15 -0.05 -0.07 -1.51
CA ASN A 15 0.75 -1.24 -2.00
C ASN A 15 -0.05 -2.00 -3.06
N TRP A 16 -1.29 -2.32 -2.77
CA TRP A 16 -2.13 -3.04 -3.77
C TRP A 16 -2.50 -2.08 -4.92
N PHE A 17 -2.85 -0.86 -4.59
CA PHE A 17 -3.22 0.14 -5.64
C PHE A 17 -2.07 0.31 -6.65
N TRP A 18 -0.86 0.44 -6.17
CA TRP A 18 0.30 0.64 -7.10
C TRP A 18 0.48 -0.60 -8.00
N ASN A 19 0.67 -1.76 -7.42
CA ASN A 19 0.87 -3.00 -8.25
C ASN A 19 -0.36 -3.28 -9.14
N VAL A 20 -1.53 -2.86 -8.75
CA VAL A 20 -2.75 -3.13 -9.57
C VAL A 20 -3.02 -1.99 -10.56
N THR A 21 -2.56 -0.79 -10.27
CA THR A 21 -2.83 0.36 -11.21
C THR A 21 -1.59 0.66 -12.07
N LEU A 22 -0.41 0.56 -11.51
CA LEU A 22 0.82 0.86 -12.31
C LEU A 22 0.98 -0.13 -13.47
N ARG A 23 0.57 -1.35 -13.28
CA ARG A 23 0.69 -2.37 -14.38
C ARG A 23 -0.12 -1.93 -15.61
N PRO A 24 -1.41 -1.77 -15.44
CA PRO A 24 -2.28 -1.32 -16.57
C PRO A 24 -2.12 0.19 -16.79
N GLU A 25 -1.00 0.61 -17.32
CA GLU A 25 -0.78 2.07 -17.56
C GLU A 25 -1.14 2.43 -19.01
N ARG A 26 -2.32 2.99 -19.21
CA ARG A 26 -2.77 3.37 -20.59
C ARG A 26 -2.72 2.15 -21.54
N ARG A 1 -2.91 7.71 15.61
CA ARG A 1 -2.56 6.29 15.90
C ARG A 1 -1.28 6.22 16.75
N SER A 2 -0.67 5.07 16.84
CA SER A 2 0.58 4.93 17.67
C SER A 2 1.83 5.30 16.87
N ALA A 3 1.68 5.85 15.67
CA ALA A 3 2.85 6.24 14.81
C ALA A 3 3.52 5.01 14.17
N LEU A 4 3.65 3.92 14.88
CA LEU A 4 4.31 2.71 14.28
C LEU A 4 3.28 1.60 14.00
N VAL A 5 2.00 1.92 14.01
CA VAL A 5 0.97 0.86 13.73
C VAL A 5 0.26 1.15 12.39
N ASN A 6 -0.08 2.38 12.12
CA ASN A 6 -0.77 2.71 10.84
C ASN A 6 0.24 2.90 9.69
N SER A 7 1.49 3.16 9.98
CA SER A 7 2.50 3.35 8.89
C SER A 7 2.45 2.14 7.94
N TYR A 8 2.57 0.95 8.47
CA TYR A 8 2.51 -0.27 7.60
C TYR A 8 1.09 -0.46 7.07
N LEU A 9 0.10 -0.25 7.90
CA LEU A 9 -1.33 -0.40 7.46
C LEU A 9 -1.64 0.54 6.30
N TRP A 10 -1.08 1.73 6.32
CA TRP A 10 -1.34 2.70 5.21
C TRP A 10 -0.61 2.25 3.94
N GLN A 11 0.61 1.76 4.08
CA GLN A 11 1.38 1.30 2.88
C GLN A 11 0.64 0.16 2.18
N ARG A 12 0.07 -0.75 2.92
CA ARG A 12 -0.68 -1.90 2.30
C ARG A 12 -1.74 -1.38 1.33
N TRP A 13 -2.40 -0.29 1.69
CA TRP A 13 -3.45 0.29 0.79
C TRP A 13 -2.85 0.66 -0.57
N GLU A 14 -1.90 1.57 -0.58
CA GLU A 14 -1.27 1.99 -1.86
C GLU A 14 -0.48 0.83 -2.48
N ASN A 15 0.11 -0.02 -1.67
CA ASN A 15 0.88 -1.17 -2.22
C ASN A 15 -0.02 -1.94 -3.21
N TRP A 16 -1.25 -2.20 -2.84
CA TRP A 16 -2.19 -2.91 -3.76
C TRP A 16 -2.57 -1.98 -4.91
N PHE A 17 -2.86 -0.73 -4.62
CA PHE A 17 -3.24 0.23 -5.69
C PHE A 17 -2.12 0.33 -6.73
N TRP A 18 -0.91 0.56 -6.30
CA TRP A 18 0.22 0.65 -7.27
C TRP A 18 0.43 -0.70 -7.96
N ASN A 19 0.20 -1.79 -7.26
CA ASN A 19 0.39 -3.14 -7.88
C ASN A 19 -0.66 -3.39 -8.98
N VAL A 20 -1.90 -3.03 -8.74
CA VAL A 20 -2.96 -3.27 -9.77
C VAL A 20 -3.09 -2.07 -10.74
N THR A 21 -2.71 -0.89 -10.33
CA THR A 21 -2.81 0.29 -11.24
C THR A 21 -1.59 0.39 -12.15
N LEU A 22 -0.40 0.35 -11.58
CA LEU A 22 0.83 0.44 -12.42
C LEU A 22 1.00 -0.85 -13.23
N ARG A 23 1.20 -1.96 -12.55
CA ARG A 23 1.36 -3.28 -13.24
C ARG A 23 2.40 -3.19 -14.38
N PRO A 24 3.65 -3.14 -14.01
CA PRO A 24 4.75 -3.07 -15.01
C PRO A 24 4.99 -4.45 -15.65
N GLU A 25 3.96 -5.07 -16.16
CA GLU A 25 4.12 -6.42 -16.79
C GLU A 25 2.83 -6.82 -17.53
N ARG A 26 1.70 -6.75 -16.87
CA ARG A 26 0.40 -7.12 -17.53
C ARG A 26 -0.72 -6.16 -17.09
N ARG A 1 -1.42 4.39 20.71
CA ARG A 1 -0.83 4.41 19.33
C ARG A 1 0.63 3.95 19.38
N SER A 2 1.00 3.03 18.52
CA SER A 2 2.42 2.54 18.50
C SER A 2 3.24 3.22 17.41
N ALA A 3 2.63 4.10 16.63
CA ALA A 3 3.36 4.79 15.52
C ALA A 3 3.96 3.79 14.51
N LEU A 4 3.61 2.52 14.61
CA LEU A 4 4.16 1.51 13.65
C LEU A 4 3.03 0.62 13.08
N VAL A 5 1.80 0.89 13.43
CA VAL A 5 0.68 0.06 12.90
C VAL A 5 0.04 0.77 11.69
N ASN A 6 -0.36 2.01 11.86
CA ASN A 6 -0.98 2.77 10.75
C ASN A 6 0.00 2.92 9.58
N SER A 7 1.26 3.19 9.86
CA SER A 7 2.26 3.34 8.75
C SER A 7 2.30 2.06 7.91
N TYR A 8 2.43 0.92 8.56
CA TYR A 8 2.45 -0.37 7.81
C TYR A 8 1.10 -0.57 7.10
N LEU A 9 0.02 -0.32 7.79
CA LEU A 9 -1.34 -0.48 7.18
C LEU A 9 -1.51 0.47 6.00
N TRP A 10 -1.12 1.72 6.16
CA TRP A 10 -1.24 2.71 5.05
C TRP A 10 -0.39 2.27 3.86
N GLN A 11 0.86 1.93 4.09
CA GLN A 11 1.75 1.48 2.97
C GLN A 11 1.10 0.31 2.21
N ARG A 12 0.42 -0.56 2.91
CA ARG A 12 -0.23 -1.73 2.25
C ARG A 12 -1.41 -1.25 1.38
N TRP A 13 -2.14 -0.25 1.83
CA TRP A 13 -3.30 0.25 1.02
C TRP A 13 -2.78 0.76 -0.34
N GLU A 14 -1.72 1.52 -0.34
CA GLU A 14 -1.16 2.03 -1.63
C GLU A 14 -0.47 0.88 -2.37
N ASN A 15 0.17 -0.02 -1.65
CA ASN A 15 0.86 -1.18 -2.31
C ASN A 15 -0.11 -1.88 -3.26
N TRP A 16 -1.31 -2.16 -2.81
CA TRP A 16 -2.30 -2.84 -3.70
C TRP A 16 -2.72 -1.88 -4.83
N PHE A 17 -3.03 -0.66 -4.49
CA PHE A 17 -3.43 0.35 -5.53
C PHE A 17 -2.34 0.44 -6.61
N TRP A 18 -1.10 0.45 -6.20
CA TRP A 18 0.03 0.54 -7.18
C TRP A 18 0.27 -0.82 -7.84
N ASN A 19 -0.04 -1.89 -7.15
CA ASN A 19 0.17 -3.26 -7.72
C ASN A 19 -0.73 -3.49 -8.94
N VAL A 20 -1.98 -3.10 -8.88
CA VAL A 20 -2.91 -3.30 -10.04
C VAL A 20 -2.71 -2.23 -11.12
N THR A 21 -2.08 -1.12 -10.80
CA THR A 21 -1.87 -0.05 -11.83
C THR A 21 -0.49 -0.18 -12.47
N LEU A 22 0.55 -0.18 -11.67
CA LEU A 22 1.94 -0.30 -12.22
C LEU A 22 2.25 -1.76 -12.60
N ARG A 23 1.63 -2.70 -11.94
CA ARG A 23 1.87 -4.15 -12.24
C ARG A 23 3.35 -4.50 -12.05
N PRO A 24 3.70 -4.87 -10.83
CA PRO A 24 5.10 -5.23 -10.52
C PRO A 24 5.49 -6.57 -11.17
N GLU A 25 6.77 -6.89 -11.14
CA GLU A 25 7.23 -8.18 -11.76
C GLU A 25 7.48 -9.24 -10.68
N ARG A 26 8.26 -8.91 -9.67
CA ARG A 26 8.54 -9.90 -8.58
C ARG A 26 7.41 -9.90 -7.54
N ARG A 1 1.42 7.30 19.38
CA ARG A 1 2.32 7.51 18.20
C ARG A 1 2.82 6.16 17.67
N SER A 2 2.04 5.52 16.83
CA SER A 2 2.47 4.19 16.28
C SER A 2 3.46 4.38 15.12
N ALA A 3 4.46 3.54 15.04
CA ALA A 3 5.47 3.67 13.94
C ALA A 3 5.34 2.51 12.95
N LEU A 4 5.06 1.32 13.41
CA LEU A 4 4.94 0.15 12.49
C LEU A 4 3.48 -0.34 12.40
N VAL A 5 2.53 0.45 12.85
CA VAL A 5 1.10 0.04 12.78
C VAL A 5 0.38 0.84 11.70
N ASN A 6 0.45 2.15 11.77
CA ASN A 6 -0.21 3.01 10.74
C ASN A 6 0.56 2.94 9.43
N SER A 7 1.87 2.97 9.48
CA SER A 7 2.68 2.88 8.22
C SER A 7 2.34 1.58 7.49
N TYR A 8 2.25 0.49 8.22
CA TYR A 8 1.89 -0.82 7.60
C TYR A 8 0.45 -0.77 7.08
N LEU A 9 -0.44 -0.14 7.81
CA LEU A 9 -1.87 -0.04 7.37
C LEU A 9 -1.99 0.86 6.14
N TRP A 10 -1.26 1.96 6.13
CA TRP A 10 -1.33 2.89 4.96
C TRP A 10 -0.55 2.31 3.77
N GLN A 11 0.62 1.76 4.02
CA GLN A 11 1.43 1.19 2.90
C GLN A 11 0.64 0.14 2.13
N ARG A 12 0.16 -0.89 2.81
CA ARG A 12 -0.63 -1.96 2.11
C ARG A 12 -1.76 -1.35 1.26
N TRP A 13 -2.38 -0.30 1.75
CA TRP A 13 -3.49 0.36 0.98
C TRP A 13 -2.99 0.80 -0.40
N GLU A 14 -2.01 1.66 -0.43
CA GLU A 14 -1.46 2.15 -1.73
C GLU A 14 -0.59 1.08 -2.40
N ASN A 15 0.16 0.33 -1.63
CA ASN A 15 1.03 -0.73 -2.22
C ASN A 15 0.20 -1.63 -3.15
N TRP A 16 -0.94 -2.09 -2.69
CA TRP A 16 -1.81 -2.94 -3.56
C TRP A 16 -2.36 -2.09 -4.72
N PHE A 17 -2.84 -0.91 -4.42
CA PHE A 17 -3.38 -0.02 -5.49
C PHE A 17 -2.33 0.20 -6.58
N TRP A 18 -1.15 0.60 -6.21
CA TRP A 18 -0.08 0.82 -7.23
C TRP A 18 0.30 -0.52 -7.88
N ASN A 19 0.37 -1.57 -7.12
CA ASN A 19 0.72 -2.90 -7.68
C ASN A 19 -0.36 -3.41 -8.64
N VAL A 20 -1.60 -3.04 -8.43
CA VAL A 20 -2.70 -3.52 -9.33
C VAL A 20 -3.11 -2.43 -10.35
N THR A 21 -2.60 -1.23 -10.22
CA THR A 21 -2.99 -0.15 -11.19
C THR A 21 -1.81 0.20 -12.12
N LEU A 22 -0.60 0.06 -11.66
CA LEU A 22 0.57 0.38 -12.53
C LEU A 22 0.80 -0.71 -13.58
N ARG A 23 0.56 -1.95 -13.22
CA ARG A 23 0.76 -3.06 -14.20
C ARG A 23 -0.11 -2.86 -15.45
N PRO A 24 -1.41 -2.70 -15.24
CA PRO A 24 -2.34 -2.50 -16.38
C PRO A 24 -2.19 -1.07 -16.94
N GLU A 25 -3.08 -0.67 -17.82
CA GLU A 25 -3.02 0.70 -18.41
C GLU A 25 -1.70 0.91 -19.17
N ARG A 26 -1.27 2.13 -19.36
CA ARG A 26 0.01 2.40 -20.09
C ARG A 26 1.10 2.89 -19.12
N ARG A 1 -4.65 0.32 15.50
CA ARG A 1 -3.84 1.50 15.05
C ARG A 1 -2.71 1.77 16.04
N SER A 2 -1.52 2.04 15.55
CA SER A 2 -0.36 2.32 16.45
C SER A 2 0.79 2.92 15.64
N ALA A 3 1.92 3.15 16.27
CA ALA A 3 3.10 3.74 15.54
C ALA A 3 3.54 2.83 14.39
N LEU A 4 3.64 1.54 14.63
CA LEU A 4 4.07 0.61 13.54
C LEU A 4 2.88 -0.23 13.04
N VAL A 5 1.67 0.10 13.44
CA VAL A 5 0.48 -0.67 12.97
C VAL A 5 -0.27 0.10 11.87
N ASN A 6 -0.41 1.40 12.02
CA ASN A 6 -1.13 2.19 10.98
C ASN A 6 -0.17 2.57 9.85
N SER A 7 1.08 2.83 10.16
CA SER A 7 2.07 3.21 9.09
C SER A 7 2.13 2.09 8.05
N TYR A 8 2.33 0.86 8.49
CA TYR A 8 2.38 -0.28 7.53
C TYR A 8 1.01 -0.42 6.83
N LEU A 9 -0.06 -0.25 7.57
CA LEU A 9 -1.42 -0.37 6.96
C LEU A 9 -1.57 0.64 5.81
N TRP A 10 -1.09 1.85 5.99
CA TRP A 10 -1.19 2.88 4.91
C TRP A 10 -0.34 2.45 3.71
N GLN A 11 0.87 2.01 3.94
CA GLN A 11 1.75 1.57 2.81
C GLN A 11 1.09 0.41 2.05
N ARG A 12 0.41 -0.46 2.76
CA ARG A 12 -0.26 -1.61 2.08
C ARG A 12 -1.40 -1.11 1.18
N TRP A 13 -2.14 -0.12 1.63
CA TRP A 13 -3.26 0.42 0.80
C TRP A 13 -2.69 0.95 -0.53
N GLU A 14 -1.62 1.70 -0.48
CA GLU A 14 -1.02 2.22 -1.75
C GLU A 14 -0.29 1.08 -2.47
N ASN A 15 0.40 0.24 -1.74
CA ASN A 15 1.13 -0.91 -2.38
C ASN A 15 0.13 -1.72 -3.22
N TRP A 16 -1.01 -2.04 -2.66
CA TRP A 16 -2.02 -2.82 -3.43
C TRP A 16 -2.48 -2.00 -4.64
N PHE A 17 -2.80 -0.74 -4.43
CA PHE A 17 -3.24 0.13 -5.57
C PHE A 17 -2.16 0.18 -6.65
N TRP A 18 -0.94 0.49 -6.27
CA TRP A 18 0.17 0.54 -7.28
C TRP A 18 0.43 -0.86 -7.89
N ASN A 19 -0.06 -1.90 -7.26
CA ASN A 19 0.17 -3.28 -7.81
C ASN A 19 -1.00 -3.70 -8.72
N VAL A 20 -2.19 -3.20 -8.49
CA VAL A 20 -3.36 -3.58 -9.35
C VAL A 20 -3.76 -2.45 -10.31
N THR A 21 -3.08 -1.33 -10.28
CA THR A 21 -3.45 -0.20 -11.19
C THR A 21 -2.38 0.00 -12.28
N LEU A 22 -1.21 -0.52 -12.09
CA LEU A 22 -0.13 -0.35 -13.11
C LEU A 22 -0.10 -1.56 -14.06
N ARG A 23 -0.36 -2.74 -13.55
CA ARG A 23 -0.37 -3.96 -14.42
C ARG A 23 -1.67 -4.75 -14.19
N PRO A 24 -2.77 -4.17 -14.57
CA PRO A 24 -4.09 -4.84 -14.41
C PRO A 24 -4.31 -5.88 -15.53
N GLU A 25 -3.53 -6.94 -15.52
CA GLU A 25 -3.67 -8.01 -16.57
C GLU A 25 -3.67 -7.39 -17.98
N ARG A 26 -2.62 -6.69 -18.33
CA ARG A 26 -2.55 -6.05 -19.68
C ARG A 26 -1.40 -6.66 -20.50
#